data_6M5B
# 
_entry.id   6M5B 
# 
_audit_conform.dict_name       mmcif_pdbx.dic 
_audit_conform.dict_version    5.387 
_audit_conform.dict_location   http://mmcif.pdb.org/dictionaries/ascii/mmcif_pdbx.dic 
# 
loop_
_database_2.database_id 
_database_2.database_code 
_database_2.pdbx_database_accession 
_database_2.pdbx_DOI 
PDB   6M5B         pdb_00006m5b 10.2210/pdb6m5b/pdb 
WWPDB D_1300015565 ?            ?                   
# 
loop_
_pdbx_audit_revision_history.ordinal 
_pdbx_audit_revision_history.data_content_type 
_pdbx_audit_revision_history.major_revision 
_pdbx_audit_revision_history.minor_revision 
_pdbx_audit_revision_history.revision_date 
1 'Structure model' 1 0 2020-06-24 
2 'Structure model' 1 1 2024-03-27 
# 
_pdbx_audit_revision_details.ordinal             1 
_pdbx_audit_revision_details.revision_ordinal    1 
_pdbx_audit_revision_details.data_content_type   'Structure model' 
_pdbx_audit_revision_details.provider            repository 
_pdbx_audit_revision_details.type                'Initial release' 
_pdbx_audit_revision_details.description         ? 
_pdbx_audit_revision_details.details             ? 
# 
loop_
_pdbx_audit_revision_group.ordinal 
_pdbx_audit_revision_group.revision_ordinal 
_pdbx_audit_revision_group.data_content_type 
_pdbx_audit_revision_group.group 
1 2 'Structure model' 'Data collection'      
2 2 'Structure model' 'Database references'  
3 2 'Structure model' 'Derived calculations' 
# 
loop_
_pdbx_audit_revision_category.ordinal 
_pdbx_audit_revision_category.revision_ordinal 
_pdbx_audit_revision_category.data_content_type 
_pdbx_audit_revision_category.category 
1 2 'Structure model' chem_comp_atom         
2 2 'Structure model' chem_comp_bond         
3 2 'Structure model' database_2             
4 2 'Structure model' pdbx_struct_conn_angle 
5 2 'Structure model' struct_conn            
# 
loop_
_pdbx_audit_revision_item.ordinal 
_pdbx_audit_revision_item.revision_ordinal 
_pdbx_audit_revision_item.data_content_type 
_pdbx_audit_revision_item.item 
1  2 'Structure model' '_database_2.pdbx_DOI'                      
2  2 'Structure model' '_database_2.pdbx_database_accession'       
3  2 'Structure model' '_pdbx_struct_conn_angle.ptnr1_auth_seq_id' 
4  2 'Structure model' '_pdbx_struct_conn_angle.ptnr1_symmetry'    
5  2 'Structure model' '_pdbx_struct_conn_angle.ptnr3_auth_seq_id' 
6  2 'Structure model' '_pdbx_struct_conn_angle.ptnr3_symmetry'    
7  2 'Structure model' '_pdbx_struct_conn_angle.value'             
8  2 'Structure model' '_struct_conn.pdbx_dist_value'              
9  2 'Structure model' '_struct_conn.ptnr1_auth_comp_id'           
10 2 'Structure model' '_struct_conn.ptnr1_auth_seq_id'            
11 2 'Structure model' '_struct_conn.ptnr1_label_asym_id'          
12 2 'Structure model' '_struct_conn.ptnr1_label_atom_id'          
13 2 'Structure model' '_struct_conn.ptnr1_label_comp_id'          
14 2 'Structure model' '_struct_conn.ptnr2_auth_seq_id'            
15 2 'Structure model' '_struct_conn.ptnr2_symmetry'               
# 
_pdbx_database_status.status_code                     REL 
_pdbx_database_status.status_code_sf                  REL 
_pdbx_database_status.status_code_mr                  ? 
_pdbx_database_status.entry_id                        6M5B 
_pdbx_database_status.recvd_initial_deposition_date   2020-03-10 
_pdbx_database_status.SG_entry                        N 
_pdbx_database_status.deposit_site                    PDBJ 
_pdbx_database_status.process_site                    PDBJ 
_pdbx_database_status.status_code_cs                  ? 
_pdbx_database_status.status_code_nmr_data            ? 
_pdbx_database_status.methods_development_category    ? 
_pdbx_database_status.pdb_format_compatible           Y 
# 
loop_
_audit_author.name 
_audit_author.pdbx_ordinal 
_audit_author.identifier_ORCID 
'Abe, K.'      1 ? 
'Hirose, Y.'   2 ? 
'Eki, H.'      3 ? 
'Takeda, K.'   4 ? 
'Bando, T.'    5 ? 
'Endo, M.'     6 ? 
'Sugiyama, H.' 7 ? 
# 
_citation.abstract                  ? 
_citation.abstract_id_CAS           ? 
_citation.book_id_ISBN              ? 
_citation.book_publisher            ? 
_citation.book_publisher_city       ? 
_citation.book_title                ? 
_citation.coordinate_linkage        ? 
_citation.country                   US 
_citation.database_id_Medline       ? 
_citation.details                   ? 
_citation.id                        primary 
_citation.journal_abbrev            J.Am.Chem.Soc. 
_citation.journal_id_ASTM           JACSAT 
_citation.journal_id_CSD            ? 
_citation.journal_id_ISSN           1520-5126 
_citation.journal_full              ? 
_citation.journal_issue             ? 
_citation.journal_volume            142 
_citation.language                  ? 
_citation.page_first                10544 
_citation.page_last                 10549 
_citation.title                     'X-ray Crystal Structure of a Cyclic-PIP-DNA Complex in the Reverse-Binding Orientation.' 
_citation.year                      2020 
_citation.database_id_CSD           ? 
_citation.pdbx_database_id_DOI      10.1021/jacs.0c03972 
_citation.pdbx_database_id_PubMed   32401492 
_citation.unpublished_flag          ? 
# 
loop_
_citation_author.citation_id 
_citation_author.name 
_citation_author.ordinal 
_citation_author.identifier_ORCID 
primary 'Abe, K.'      1 ?                   
primary 'Hirose, Y.'   2 ?                   
primary 'Eki, H.'      3 ?                   
primary 'Takeda, K.'   4 0000-0002-4094-6816 
primary 'Bando, T.'    5 ?                   
primary 'Endo, M.'     6 0000-0003-0957-3764 
primary 'Sugiyama, H.' 7 0000-0001-8923-5946 
# 
loop_
_entity.id 
_entity.type 
_entity.src_method 
_entity.pdbx_description 
_entity.formula_weight 
_entity.pdbx_number_of_molecules 
_entity.pdbx_ec 
_entity.pdbx_mutation 
_entity.pdbx_fragment 
_entity.details 
1 polymer     man 
;DNA (5'-D(*CP*(CBR)P*AP*GP*GP*CP*CP*TP*GP*G)-3')
;
3124.888 1  ? ? ? 'SF file contains Friedel pairs.' 
2 non-polymer syn 
;4-[[4-[(4-azanyl-1-methyl-pyrrol-2-yl)carbonylamino]-1-methyl-pyrrol-2-yl]carbonylamino]-~{N}-[2-[[(3~{S})-3-azanyl-4-oxidanylidene-butyl]carbamoyl]-1-methyl-imidazol-4-yl]-1-methyl-imidazole-2-carboxamide
;
592.610  1  ? ? ? ?                                 
3 non-polymer syn 'MAGNESIUM ION' 24.305   1  ? ? ? ?                                 
4 non-polymer syn 'SODIUM ION' 22.990   1  ? ? ? ?                                 
5 non-polymer syn 1,2-ETHANEDIOL 62.068   1  ? ? ? ?                                 
6 water       nat water 18.015   46 ? ? ? ?                                 
# 
_entity_poly.entity_id                      1 
_entity_poly.type                           polydeoxyribonucleotide 
_entity_poly.nstd_linkage                   no 
_entity_poly.nstd_monomer                   yes 
_entity_poly.pdbx_seq_one_letter_code       '(DC)(CBR)(DA)(DG)(DG)(DC)(DC)(DT)(DG)(DG)' 
_entity_poly.pdbx_seq_one_letter_code_can   CCAGGCCTGG 
_entity_poly.pdbx_strand_id                 A 
_entity_poly.pdbx_target_identifier         ? 
# 
loop_
_pdbx_entity_nonpoly.entity_id 
_pdbx_entity_nonpoly.name 
_pdbx_entity_nonpoly.comp_id 
2 
;4-[[4-[(4-azanyl-1-methyl-pyrrol-2-yl)carbonylamino]-1-methyl-pyrrol-2-yl]carbonylamino]-~{N}-[2-[[(3~{S})-3-azanyl-4-oxidanylidene-butyl]carbamoyl]-1-methyl-imidazol-4-yl]-1-methyl-imidazole-2-carboxamide
;
S7E 
3 'MAGNESIUM ION' MG  
4 'SODIUM ION' NA  
5 1,2-ETHANEDIOL EDO 
6 water HOH 
# 
loop_
_entity_poly_seq.entity_id 
_entity_poly_seq.num 
_entity_poly_seq.mon_id 
_entity_poly_seq.hetero 
1 1  DC  n 
1 2  CBR n 
1 3  DA  n 
1 4  DG  n 
1 5  DG  n 
1 6  DC  n 
1 7  DC  n 
1 8  DT  n 
1 9  DG  n 
1 10 DG  n 
# 
_entity_src_gen.entity_id                          1 
_entity_src_gen.pdbx_src_id                        1 
_entity_src_gen.pdbx_alt_source_flag               sample 
_entity_src_gen.pdbx_seq_type                      'Biological sequence' 
_entity_src_gen.pdbx_beg_seq_num                   1 
_entity_src_gen.pdbx_end_seq_num                   10 
_entity_src_gen.gene_src_common_name               ? 
_entity_src_gen.gene_src_genus                     ? 
_entity_src_gen.pdbx_gene_src_gene                 ? 
_entity_src_gen.gene_src_species                   ? 
_entity_src_gen.gene_src_strain                    ? 
_entity_src_gen.gene_src_tissue                    ? 
_entity_src_gen.gene_src_tissue_fraction           ? 
_entity_src_gen.gene_src_details                   ? 
_entity_src_gen.pdbx_gene_src_fragment             ? 
_entity_src_gen.pdbx_gene_src_scientific_name      'synthetic construct' 
_entity_src_gen.pdbx_gene_src_ncbi_taxonomy_id     32630 
_entity_src_gen.pdbx_gene_src_variant              ? 
_entity_src_gen.pdbx_gene_src_cell_line            ? 
_entity_src_gen.pdbx_gene_src_atcc                 ? 
_entity_src_gen.pdbx_gene_src_organ                ? 
_entity_src_gen.pdbx_gene_src_organelle            ? 
_entity_src_gen.pdbx_gene_src_cell                 ? 
_entity_src_gen.pdbx_gene_src_cellular_location    ? 
_entity_src_gen.host_org_common_name               ? 
_entity_src_gen.pdbx_host_org_scientific_name      'synthetic construct' 
_entity_src_gen.pdbx_host_org_ncbi_taxonomy_id     32630 
_entity_src_gen.host_org_genus                     ? 
_entity_src_gen.pdbx_host_org_gene                 ? 
_entity_src_gen.pdbx_host_org_organ                ? 
_entity_src_gen.host_org_species                   ? 
_entity_src_gen.pdbx_host_org_tissue               ? 
_entity_src_gen.pdbx_host_org_tissue_fraction      ? 
_entity_src_gen.pdbx_host_org_strain               ? 
_entity_src_gen.pdbx_host_org_variant              ? 
_entity_src_gen.pdbx_host_org_cell_line            ? 
_entity_src_gen.pdbx_host_org_atcc                 ? 
_entity_src_gen.pdbx_host_org_culture_collection   ? 
_entity_src_gen.pdbx_host_org_cell                 ? 
_entity_src_gen.pdbx_host_org_organelle            ? 
_entity_src_gen.pdbx_host_org_cellular_location    ? 
_entity_src_gen.pdbx_host_org_vector_type          ? 
_entity_src_gen.pdbx_host_org_vector               ? 
_entity_src_gen.host_org_details                   ? 
_entity_src_gen.expression_system_id               ? 
_entity_src_gen.plasmid_name                       ? 
_entity_src_gen.plasmid_details                    ? 
_entity_src_gen.pdbx_description                   ? 
# 
loop_
_chem_comp.id 
_chem_comp.type 
_chem_comp.mon_nstd_flag 
_chem_comp.name 
_chem_comp.pdbx_synonyms 
_chem_comp.formula 
_chem_comp.formula_weight 
CBR 'DNA linking' n "5-BROMO-2'-DEOXY-CYTIDINE-5'-MONOPHOSPHATE" ?                 'C9 H13 Br N3 O7 P' 386.093 
DA  'DNA linking' y "2'-DEOXYADENOSINE-5'-MONOPHOSPHATE" ?                 'C10 H14 N5 O6 P'   331.222 
DC  'DNA linking' y "2'-DEOXYCYTIDINE-5'-MONOPHOSPHATE" ?                 'C9 H14 N3 O7 P'    307.197 
DG  'DNA linking' y "2'-DEOXYGUANOSINE-5'-MONOPHOSPHATE" ?                 'C10 H14 N5 O7 P'   347.221 
DT  'DNA linking' y "THYMIDINE-5'-MONOPHOSPHATE" ?                 'C10 H15 N2 O8 P'   322.208 
EDO non-polymer   . 1,2-ETHANEDIOL 'ETHYLENE GLYCOL' 'C2 H6 O2'          62.068  
HOH non-polymer   . WATER ?                 'H2 O'              18.015  
MG  non-polymer   . 'MAGNESIUM ION' ?                 'Mg 2'              24.305  
NA  non-polymer   . 'SODIUM ION' ?                 'Na 1'              22.990  
S7E non-polymer   . 
;4-[[4-[(4-azanyl-1-methyl-pyrrol-2-yl)carbonylamino]-1-methyl-pyrrol-2-yl]carbonylamino]-~{N}-[2-[[(3~{S})-3-azanyl-4-oxidanylidene-butyl]carbamoyl]-1-methyl-imidazol-4-yl]-1-methyl-imidazole-2-carboxamide
;
?                 'C26 H32 N12 O5'    592.610 
# 
loop_
_pdbx_poly_seq_scheme.asym_id 
_pdbx_poly_seq_scheme.entity_id 
_pdbx_poly_seq_scheme.seq_id 
_pdbx_poly_seq_scheme.mon_id 
_pdbx_poly_seq_scheme.ndb_seq_num 
_pdbx_poly_seq_scheme.pdb_seq_num 
_pdbx_poly_seq_scheme.auth_seq_num 
_pdbx_poly_seq_scheme.pdb_mon_id 
_pdbx_poly_seq_scheme.auth_mon_id 
_pdbx_poly_seq_scheme.pdb_strand_id 
_pdbx_poly_seq_scheme.pdb_ins_code 
_pdbx_poly_seq_scheme.hetero 
A 1 1  DC  1  1  1  DC  DC  A . n 
A 1 2  CBR 2  2  2  CBR CBR A . n 
A 1 3  DA  3  3  3  DA  DA  A . n 
A 1 4  DG  4  4  4  DG  DG  A . n 
A 1 5  DG  5  5  5  DG  DG  A . n 
A 1 6  DC  6  6  6  DC  DC  A . n 
A 1 7  DC  7  7  7  DC  DC  A . n 
A 1 8  DT  8  8  8  DT  DT  A . n 
A 1 9  DG  9  9  9  DG  DG  A . n 
A 1 10 DG  10 10 10 DG  DG  A . n 
# 
loop_
_pdbx_nonpoly_scheme.asym_id 
_pdbx_nonpoly_scheme.entity_id 
_pdbx_nonpoly_scheme.mon_id 
_pdbx_nonpoly_scheme.ndb_seq_num 
_pdbx_nonpoly_scheme.pdb_seq_num 
_pdbx_nonpoly_scheme.auth_seq_num 
_pdbx_nonpoly_scheme.pdb_mon_id 
_pdbx_nonpoly_scheme.auth_mon_id 
_pdbx_nonpoly_scheme.pdb_strand_id 
_pdbx_nonpoly_scheme.pdb_ins_code 
B 2 S7E 1  101 100 S7E S7E A . 
C 3 MG  1  102 401 MG  MG  A . 
D 4 NA  1  103 501 NA  NA  A . 
E 5 EDO 1  104 300 EDO EDO A . 
F 6 HOH 1  201 255 HOH HOH A . 
F 6 HOH 2  202 235 HOH HOH A . 
F 6 HOH 3  203 266 HOH HOH A . 
F 6 HOH 4  204 259 HOH HOH A . 
F 6 HOH 5  205 212 HOH HOH A . 
F 6 HOH 6  206 215 HOH HOH A . 
F 6 HOH 7  207 217 HOH HOH A . 
F 6 HOH 8  208 211 HOH HOH A . 
F 6 HOH 9  209 214 HOH HOH A . 
F 6 HOH 10 210 207 HOH HOH A . 
F 6 HOH 11 211 249 HOH HOH A . 
F 6 HOH 12 212 250 HOH HOH A . 
F 6 HOH 13 213 227 HOH HOH A . 
F 6 HOH 14 214 248 HOH HOH A . 
F 6 HOH 15 215 201 HOH HOH A . 
F 6 HOH 16 216 203 HOH HOH A . 
F 6 HOH 17 217 206 HOH HOH A . 
F 6 HOH 18 218 260 HOH HOH A . 
F 6 HOH 19 219 226 HOH HOH A . 
F 6 HOH 20 220 208 HOH HOH A . 
F 6 HOH 21 221 221 HOH HOH A . 
F 6 HOH 22 222 213 HOH HOH A . 
F 6 HOH 23 223 218 HOH HOH A . 
F 6 HOH 24 224 253 HOH HOH A . 
F 6 HOH 25 225 216 HOH HOH A . 
F 6 HOH 26 226 254 HOH HOH A . 
F 6 HOH 27 227 205 HOH HOH A . 
F 6 HOH 28 228 210 HOH HOH A . 
F 6 HOH 29 229 219 HOH HOH A . 
F 6 HOH 30 230 252 HOH HOH A . 
F 6 HOH 31 231 204 HOH HOH A . 
F 6 HOH 32 232 265 HOH HOH A . 
F 6 HOH 33 233 232 HOH HOH A . 
F 6 HOH 34 234 262 HOH HOH A . 
F 6 HOH 35 235 257 HOH HOH A . 
F 6 HOH 36 236 228 HOH HOH A . 
F 6 HOH 37 237 261 HOH HOH A . 
F 6 HOH 38 238 246 HOH HOH A . 
F 6 HOH 39 239 224 HOH HOH A . 
F 6 HOH 40 240 256 HOH HOH A . 
F 6 HOH 41 241 241 HOH HOH A . 
F 6 HOH 42 242 258 HOH HOH A . 
F 6 HOH 43 243 264 HOH HOH A . 
F 6 HOH 44 244 251 HOH HOH A . 
F 6 HOH 45 245 209 HOH HOH A . 
F 6 HOH 46 246 263 HOH HOH A . 
# 
loop_
_software.citation_id 
_software.classification 
_software.compiler_name 
_software.compiler_version 
_software.contact_author 
_software.contact_author_email 
_software.date 
_software.description 
_software.dependencies 
_software.hardware 
_software.language 
_software.location 
_software.mods 
_software.name 
_software.os 
_software.os_version 
_software.type 
_software.version 
_software.pdbx_ordinal 
? refinement       ? ? ? ? ? ? ? ? ? ? ? PHENIX ? ? ? 1.16_3549 1 
? 'data reduction' ? ? ? ? ? ? ? ? ? ? ? XDS    ? ? ? .         2 
? 'data scaling'   ? ? ? ? ? ? ? ? ? ? ? XDS    ? ? ? .         3 
? phasing          ? ? ? ? ? ? ? ? ? ? ? SOLVE  ? ? ? .         4 
# 
_cell.angle_alpha                  90.000 
_cell.angle_alpha_esd              ? 
_cell.angle_beta                   90.000 
_cell.angle_beta_esd               ? 
_cell.angle_gamma                  90.000 
_cell.angle_gamma_esd              ? 
_cell.entry_id                     6M5B 
_cell.details                      ? 
_cell.formula_units_Z              ? 
_cell.length_a                     82.235 
_cell.length_a_esd                 ? 
_cell.length_b                     82.235 
_cell.length_b_esd                 ? 
_cell.length_c                     82.235 
_cell.length_c_esd                 ? 
_cell.volume                       ? 
_cell.volume_esd                   ? 
_cell.Z_PDB                        48 
_cell.reciprocal_angle_alpha       ? 
_cell.reciprocal_angle_beta        ? 
_cell.reciprocal_angle_gamma       ? 
_cell.reciprocal_angle_alpha_esd   ? 
_cell.reciprocal_angle_beta_esd    ? 
_cell.reciprocal_angle_gamma_esd   ? 
_cell.reciprocal_length_a          ? 
_cell.reciprocal_length_b          ? 
_cell.reciprocal_length_c          ? 
_cell.reciprocal_length_a_esd      ? 
_cell.reciprocal_length_b_esd      ? 
_cell.reciprocal_length_c_esd      ? 
_cell.pdbx_unique_axis             ? 
# 
_symmetry.entry_id                         6M5B 
_symmetry.cell_setting                     ? 
_symmetry.Int_Tables_number                214 
_symmetry.space_group_name_Hall            ? 
_symmetry.space_group_name_H-M             'I 41 3 2' 
_symmetry.pdbx_full_space_group_name_H-M   ? 
# 
_exptl.absorpt_coefficient_mu     ? 
_exptl.absorpt_correction_T_max   ? 
_exptl.absorpt_correction_T_min   ? 
_exptl.absorpt_correction_type    ? 
_exptl.absorpt_process_details    ? 
_exptl.entry_id                   6M5B 
_exptl.crystals_number            1 
_exptl.details                    ? 
_exptl.method                     'X-RAY DIFFRACTION' 
_exptl.method_details             ? 
# 
_exptl_crystal.colour                      ? 
_exptl_crystal.density_diffrn              ? 
_exptl_crystal.density_Matthews            3.71 
_exptl_crystal.density_method              ? 
_exptl_crystal.density_percent_sol         66.83 
_exptl_crystal.description                 ? 
_exptl_crystal.F_000                       ? 
_exptl_crystal.id                          1 
_exptl_crystal.preparation                 ? 
_exptl_crystal.size_max                    ? 
_exptl_crystal.size_mid                    ? 
_exptl_crystal.size_min                    ? 
_exptl_crystal.size_rad                    ? 
_exptl_crystal.colour_lustre               ? 
_exptl_crystal.colour_modifier             ? 
_exptl_crystal.colour_primary              ? 
_exptl_crystal.density_meas                ? 
_exptl_crystal.density_meas_esd            ? 
_exptl_crystal.density_meas_gt             ? 
_exptl_crystal.density_meas_lt             ? 
_exptl_crystal.density_meas_temp           ? 
_exptl_crystal.density_meas_temp_esd       ? 
_exptl_crystal.density_meas_temp_gt        ? 
_exptl_crystal.density_meas_temp_lt        ? 
_exptl_crystal.pdbx_crystal_image_url      ? 
_exptl_crystal.pdbx_crystal_image_format   ? 
_exptl_crystal.pdbx_mosaicity              ? 
_exptl_crystal.pdbx_mosaicity_esd          ? 
# 
_exptl_crystal_grow.apparatus       ? 
_exptl_crystal_grow.atmosphere      ? 
_exptl_crystal_grow.crystal_id      1 
_exptl_crystal_grow.details         ? 
_exptl_crystal_grow.method          'VAPOR DIFFUSION, HANGING DROP' 
_exptl_crystal_grow.method_ref      ? 
_exptl_crystal_grow.pH              ? 
_exptl_crystal_grow.pressure        ? 
_exptl_crystal_grow.pressure_esd    ? 
_exptl_crystal_grow.seeding         ? 
_exptl_crystal_grow.seeding_ref     ? 
_exptl_crystal_grow.temp            293 
_exptl_crystal_grow.temp_details    ? 
_exptl_crystal_grow.temp_esd        ? 
_exptl_crystal_grow.time            ? 
_exptl_crystal_grow.pdbx_details    
'12.5% polyethylene glycol monomethyl ether 550, 2.5 mM magnesium chloride hexahydrate, 25 mM HEPES sodium, pH 7.0' 
_exptl_crystal_grow.pdbx_pH_range   ? 
# 
_diffrn.ambient_environment              ? 
_diffrn.ambient_temp                     16.7 
_diffrn.ambient_temp_details             ? 
_diffrn.ambient_temp_esd                 ? 
_diffrn.crystal_id                       1 
_diffrn.crystal_support                  ? 
_diffrn.crystal_treatment                ? 
_diffrn.details                          ? 
_diffrn.id                               1 
_diffrn.ambient_pressure                 ? 
_diffrn.ambient_pressure_esd             ? 
_diffrn.ambient_pressure_gt              ? 
_diffrn.ambient_pressure_lt              ? 
_diffrn.ambient_temp_gt                  ? 
_diffrn.ambient_temp_lt                  ? 
_diffrn.pdbx_serial_crystal_experiment   N 
# 
_diffrn_detector.details                      ? 
_diffrn_detector.detector                     PIXEL 
_diffrn_detector.diffrn_id                    1 
_diffrn_detector.type                         'DECTRIS EIGER X 16M' 
_diffrn_detector.area_resol_mean              ? 
_diffrn_detector.dtime                        ? 
_diffrn_detector.pdbx_frames_total            ? 
_diffrn_detector.pdbx_collection_time_total   ? 
_diffrn_detector.pdbx_collection_date         2019-10-04 
_diffrn_detector.pdbx_frequency               ? 
# 
_diffrn_radiation.collimation                      ? 
_diffrn_radiation.diffrn_id                        1 
_diffrn_radiation.filter_edge                      ? 
_diffrn_radiation.inhomogeneity                    ? 
_diffrn_radiation.monochromator                    ? 
_diffrn_radiation.polarisn_norm                    ? 
_diffrn_radiation.polarisn_ratio                   ? 
_diffrn_radiation.probe                            ? 
_diffrn_radiation.type                             ? 
_diffrn_radiation.xray_symbol                      ? 
_diffrn_radiation.wavelength_id                    1 
_diffrn_radiation.pdbx_monochromatic_or_laue_m_l   M 
_diffrn_radiation.pdbx_wavelength_list             ? 
_diffrn_radiation.pdbx_wavelength                  ? 
_diffrn_radiation.pdbx_diffrn_protocol             'SINGLE WAVELENGTH' 
_diffrn_radiation.pdbx_analyzer                    ? 
_diffrn_radiation.pdbx_scattering_type             x-ray 
# 
_diffrn_radiation_wavelength.id           1 
_diffrn_radiation_wavelength.wavelength   0.91 
_diffrn_radiation_wavelength.wt           1.0 
# 
_diffrn_source.current                     ? 
_diffrn_source.details                     ? 
_diffrn_source.diffrn_id                   1 
_diffrn_source.power                       ? 
_diffrn_source.size                        ? 
_diffrn_source.source                      SYNCHROTRON 
_diffrn_source.target                      ? 
_diffrn_source.type                        'SPRING-8 BEAMLINE BL41XU' 
_diffrn_source.voltage                     ? 
_diffrn_source.take-off_angle              ? 
_diffrn_source.pdbx_wavelength_list        0.91 
_diffrn_source.pdbx_wavelength             ? 
_diffrn_source.pdbx_synchrotron_beamline   BL41XU 
_diffrn_source.pdbx_synchrotron_site       SPring-8 
# 
_reflns.B_iso_Wilson_estimate            23.982 
_reflns.entry_id                         6M5B 
_reflns.data_reduction_details           ? 
_reflns.data_reduction_method            ? 
_reflns.d_resolution_high                1.500 
_reflns.d_resolution_low                 41.118 
_reflns.details                          ? 
_reflns.limit_h_max                      ? 
_reflns.limit_h_min                      ? 
_reflns.limit_k_max                      ? 
_reflns.limit_k_min                      ? 
_reflns.limit_l_max                      ? 
_reflns.limit_l_min                      ? 
_reflns.number_all                       ? 
_reflns.number_obs                       14247 
_reflns.observed_criterion               ? 
_reflns.observed_criterion_F_max         ? 
_reflns.observed_criterion_F_min         ? 
_reflns.observed_criterion_I_max         ? 
_reflns.observed_criterion_I_min         ? 
_reflns.observed_criterion_sigma_F       ? 
_reflns.observed_criterion_sigma_I       ? 
_reflns.percent_possible_obs             98.600 
_reflns.R_free_details                   ? 
_reflns.Rmerge_F_all                     ? 
_reflns.Rmerge_F_obs                     ? 
_reflns.Friedel_coverage                 ? 
_reflns.number_gt                        ? 
_reflns.threshold_expression             ? 
_reflns.pdbx_redundancy                  14.328 
_reflns.pdbx_Rmerge_I_obs                0.053 
_reflns.pdbx_Rmerge_I_all                ? 
_reflns.pdbx_Rsym_value                  ? 
_reflns.pdbx_netI_over_av_sigmaI         ? 
_reflns.pdbx_netI_over_sigmaI            26.370 
_reflns.pdbx_res_netI_over_av_sigmaI_2   ? 
_reflns.pdbx_res_netI_over_sigmaI_2      ? 
_reflns.pdbx_chi_squared                 1.742 
_reflns.pdbx_scaling_rejects             ? 
_reflns.pdbx_d_res_high_opt              ? 
_reflns.pdbx_d_res_low_opt               ? 
_reflns.pdbx_d_res_opt_method            ? 
_reflns.phase_calculation_details        ? 
_reflns.pdbx_Rrim_I_all                  0.054 
_reflns.pdbx_Rpim_I_all                  ? 
_reflns.pdbx_d_opt                       ? 
_reflns.pdbx_number_measured_all         204128 
_reflns.pdbx_diffrn_id                   1 
_reflns.pdbx_ordinal                     1 
_reflns.pdbx_CC_half                     1.000 
_reflns.pdbx_CC_star                     ? 
_reflns.pdbx_R_split                     ? 
# 
loop_
_reflns_shell.d_res_high 
_reflns_shell.d_res_low 
_reflns_shell.meanI_over_sigI_all 
_reflns_shell.meanI_over_sigI_obs 
_reflns_shell.number_measured_all 
_reflns_shell.number_measured_obs 
_reflns_shell.number_possible 
_reflns_shell.number_unique_all 
_reflns_shell.number_unique_obs 
_reflns_shell.percent_possible_all 
_reflns_shell.percent_possible_obs 
_reflns_shell.Rmerge_F_all 
_reflns_shell.Rmerge_F_obs 
_reflns_shell.Rmerge_I_all 
_reflns_shell.Rmerge_I_obs 
_reflns_shell.meanI_over_sigI_gt 
_reflns_shell.meanI_over_uI_all 
_reflns_shell.meanI_over_uI_gt 
_reflns_shell.number_measured_gt 
_reflns_shell.number_unique_gt 
_reflns_shell.percent_possible_gt 
_reflns_shell.Rmerge_F_gt 
_reflns_shell.Rmerge_I_gt 
_reflns_shell.pdbx_redundancy 
_reflns_shell.pdbx_Rsym_value 
_reflns_shell.pdbx_chi_squared 
_reflns_shell.pdbx_netI_over_sigmaI_all 
_reflns_shell.pdbx_netI_over_sigmaI_obs 
_reflns_shell.pdbx_Rrim_I_all 
_reflns_shell.pdbx_Rpim_I_all 
_reflns_shell.pdbx_rejects 
_reflns_shell.pdbx_ordinal 
_reflns_shell.pdbx_diffrn_id 
_reflns_shell.pdbx_CC_half 
_reflns_shell.pdbx_CC_star 
_reflns_shell.pdbx_R_split 
1.500 1.590  ? 1.730  ? 5487  2347 ? 2153 91.700  ? ? ? ? 0.393 ? ? ? ? ? ? ? ? 2.549  ? ? ? ? 0.480 ? ? 1 1 0.773 ? ? 
1.590 1.700  ? 4.520  ? 12503 2193 ? 2193 100.000 ? ? ? ? 0.264 ? ? ? ? ? ? ? ? 5.701  ? ? ? ? 0.291 ? ? 2 1 0.960 ? ? 
1.700 1.840  ? 10.180 ? 21938 2018 ? 2018 100.000 ? ? ? ? 0.176 ? ? ? ? ? ? ? ? 10.871 ? ? ? ? 0.185 ? ? 3 1 0.991 ? ? 
1.840 2.010  ? 18.220 ? 36126 1895 ? 1895 100.000 ? ? ? ? 0.141 ? ? ? ? ? ? ? ? 19.064 ? ? ? ? 0.145 ? ? 4 1 0.997 ? ? 
2.010 2.250  ? 28.650 ? 36335 1682 ? 1682 100.000 ? ? ? ? 0.101 ? ? ? ? ? ? ? ? 21.602 ? ? ? ? 0.103 ? ? 5 1 0.998 ? ? 
2.250 2.590  ? 37.570 ? 31396 1494 ? 1494 100.000 ? ? ? ? 0.074 ? ? ? ? ? ? ? ? 21.015 ? ? ? ? 0.076 ? ? 6 1 0.999 ? ? 
2.590 3.170  ? 58.490 ? 27731 1277 ? 1277 100.000 ? ? ? ? 0.050 ? ? ? ? ? ? ? ? 21.716 ? ? ? ? 0.051 ? ? 7 1 1.000 ? ? 
3.170 4.460  ? 82.050 ? 20876 980  ? 980  100.000 ? ? ? ? 0.036 ? ? ? ? ? ? ? ? 21.302 ? ? ? ? 0.037 ? ? 8 1 1.000 ? ? 
4.460 41.118 ? 85.720 ? 11736 556  ? 555  99.800  ? ? ? ? 0.035 ? ? ? ? ? ? ? ? 21.146 ? ? ? ? 0.036 ? ? 9 1 1.000 ? ? 
# 
_refine.aniso_B[1][1]                            ? 
_refine.aniso_B[1][2]                            ? 
_refine.aniso_B[1][3]                            ? 
_refine.aniso_B[2][2]                            ? 
_refine.aniso_B[2][3]                            ? 
_refine.aniso_B[3][3]                            ? 
_refine.B_iso_max                                43.150 
_refine.B_iso_mean                               21.7689 
_refine.B_iso_min                                13.940 
_refine.correlation_coeff_Fo_to_Fc               ? 
_refine.correlation_coeff_Fo_to_Fc_free          ? 
_refine.details                                  ? 
_refine.diff_density_max                         ? 
_refine.diff_density_max_esd                     ? 
_refine.diff_density_min                         ? 
_refine.diff_density_min_esd                     ? 
_refine.diff_density_rms                         ? 
_refine.diff_density_rms_esd                     ? 
_refine.entry_id                                 6M5B 
_refine.pdbx_refine_id                           'X-RAY DIFFRACTION' 
_refine.ls_abs_structure_details                 ? 
_refine.ls_abs_structure_Flack                   ? 
_refine.ls_abs_structure_Flack_esd               ? 
_refine.ls_abs_structure_Rogers                  ? 
_refine.ls_abs_structure_Rogers_esd              ? 
_refine.ls_d_res_high                            1.5010 
_refine.ls_d_res_low                             29.0740 
_refine.ls_extinction_coef                       ? 
_refine.ls_extinction_coef_esd                   ? 
_refine.ls_extinction_expression                 ? 
_refine.ls_extinction_method                     ? 
_refine.ls_goodness_of_fit_all                   ? 
_refine.ls_goodness_of_fit_all_esd               ? 
_refine.ls_goodness_of_fit_obs                   ? 
_refine.ls_goodness_of_fit_obs_esd               ? 
_refine.ls_hydrogen_treatment                    ? 
_refine.ls_matrix_type                           ? 
_refine.ls_number_constraints                    ? 
_refine.ls_number_parameters                     ? 
_refine.ls_number_reflns_all                     ? 
_refine.ls_number_reflns_obs                     14240 
_refine.ls_number_reflns_R_free                  1056 
_refine.ls_number_reflns_R_work                  13184 
_refine.ls_number_restraints                     ? 
_refine.ls_percent_reflns_obs                    98.8200 
_refine.ls_percent_reflns_R_free                 7.4200 
_refine.ls_R_factor_all                          ? 
_refine.ls_R_factor_obs                          0.1845 
_refine.ls_R_factor_R_free                       0.1894 
_refine.ls_R_factor_R_free_error                 ? 
_refine.ls_R_factor_R_free_error_details         ? 
_refine.ls_R_factor_R_work                       0.1840 
_refine.ls_R_Fsqd_factor_obs                     ? 
_refine.ls_R_I_factor_obs                        ? 
_refine.ls_redundancy_reflns_all                 ? 
_refine.ls_redundancy_reflns_obs                 ? 
_refine.ls_restrained_S_all                      ? 
_refine.ls_restrained_S_obs                      ? 
_refine.ls_shift_over_esd_max                    ? 
_refine.ls_shift_over_esd_mean                   ? 
_refine.ls_structure_factor_coef                 ? 
_refine.ls_weighting_details                     ? 
_refine.ls_weighting_scheme                      ? 
_refine.ls_wR_factor_all                         ? 
_refine.ls_wR_factor_obs                         ? 
_refine.ls_wR_factor_R_free                      ? 
_refine.ls_wR_factor_R_work                      ? 
_refine.occupancy_max                            ? 
_refine.occupancy_min                            ? 
_refine.solvent_model_details                    'FLAT BULK SOLVENT MODEL' 
_refine.solvent_model_param_bsol                 ? 
_refine.solvent_model_param_ksol                 ? 
_refine.pdbx_R_complete                          ? 
_refine.ls_R_factor_gt                           ? 
_refine.ls_goodness_of_fit_gt                    ? 
_refine.ls_goodness_of_fit_ref                   ? 
_refine.ls_shift_over_su_max                     ? 
_refine.ls_shift_over_su_max_lt                  ? 
_refine.ls_shift_over_su_mean                    ? 
_refine.ls_shift_over_su_mean_lt                 ? 
_refine.pdbx_ls_sigma_I                          ? 
_refine.pdbx_ls_sigma_F                          1.940 
_refine.pdbx_ls_sigma_Fsqd                       ? 
_refine.pdbx_data_cutoff_high_absF               ? 
_refine.pdbx_data_cutoff_high_rms_absF           ? 
_refine.pdbx_data_cutoff_low_absF                ? 
_refine.pdbx_isotropic_thermal_model             ? 
_refine.pdbx_ls_cross_valid_method               THROUGHOUT 
_refine.pdbx_method_to_determine_struct          SAD 
_refine.pdbx_starting_model                      ? 
_refine.pdbx_stereochemistry_target_values       ML 
_refine.pdbx_R_Free_selection_details            ? 
_refine.pdbx_stereochem_target_val_spec_case     ? 
_refine.pdbx_overall_ESU_R                       ? 
_refine.pdbx_overall_ESU_R_Free                  ? 
_refine.pdbx_solvent_vdw_probe_radii             1.1100 
_refine.pdbx_solvent_ion_probe_radii             ? 
_refine.pdbx_solvent_shrinkage_radii             0.9000 
_refine.pdbx_real_space_R                        ? 
_refine.pdbx_density_correlation                 ? 
_refine.pdbx_pd_number_of_powder_patterns        ? 
_refine.pdbx_pd_number_of_points                 ? 
_refine.pdbx_pd_meas_number_of_points            ? 
_refine.pdbx_pd_proc_ls_prof_R_factor            ? 
_refine.pdbx_pd_proc_ls_prof_wR_factor           ? 
_refine.pdbx_pd_Marquardt_correlation_coeff      ? 
_refine.pdbx_pd_Fsqrd_R_factor                   ? 
_refine.pdbx_pd_ls_matrix_band_width             ? 
_refine.pdbx_overall_phase_error                 21.7500 
_refine.pdbx_overall_SU_R_free_Cruickshank_DPI   ? 
_refine.pdbx_overall_SU_R_free_Blow_DPI          ? 
_refine.pdbx_overall_SU_R_Blow_DPI               ? 
_refine.pdbx_TLS_residual_ADP_flag               ? 
_refine.pdbx_diffrn_id                           1 
_refine.overall_SU_B                             ? 
_refine.overall_SU_ML                            0.1700 
_refine.overall_SU_R_Cruickshank_DPI             ? 
_refine.overall_SU_R_free                        ? 
_refine.overall_FOM_free_R_set                   ? 
_refine.overall_FOM_work_R_set                   ? 
_refine.pdbx_average_fsc_overall                 ? 
_refine.pdbx_average_fsc_work                    ? 
_refine.pdbx_average_fsc_free                    ? 
# 
_refine_hist.pdbx_refine_id                   'X-RAY DIFFRACTION' 
_refine_hist.cycle_id                         final 
_refine_hist.details                          ? 
_refine_hist.d_res_high                       1.5010 
_refine_hist.d_res_low                        29.0740 
_refine_hist.number_atoms_solvent             46 
_refine_hist.number_atoms_total               298 
_refine_hist.number_reflns_all                ? 
_refine_hist.number_reflns_obs                ? 
_refine_hist.number_reflns_R_free             ? 
_refine_hist.number_reflns_R_work             ? 
_refine_hist.R_factor_all                     ? 
_refine_hist.R_factor_obs                     ? 
_refine_hist.R_factor_R_free                  ? 
_refine_hist.R_factor_R_work                  ? 
_refine_hist.pdbx_number_residues_total       10 
_refine_hist.pdbx_B_iso_mean_ligand           18.40 
_refine_hist.pdbx_B_iso_mean_solvent          28.34 
_refine_hist.pdbx_number_atoms_protein        0 
_refine_hist.pdbx_number_atoms_nucleic_acid   203 
_refine_hist.pdbx_number_atoms_ligand         49 
_refine_hist.pdbx_number_atoms_lipid          ? 
_refine_hist.pdbx_number_atoms_carb           ? 
_refine_hist.pdbx_pseudo_atom_details         ? 
# 
loop_
_refine_ls_shell.pdbx_refine_id 
_refine_ls_shell.d_res_high 
_refine_ls_shell.d_res_low 
_refine_ls_shell.number_reflns_all 
_refine_ls_shell.number_reflns_obs 
_refine_ls_shell.number_reflns_R_free 
_refine_ls_shell.number_reflns_R_work 
_refine_ls_shell.percent_reflns_obs 
_refine_ls_shell.percent_reflns_R_free 
_refine_ls_shell.R_factor_all 
_refine_ls_shell.R_factor_obs 
_refine_ls_shell.R_factor_R_free 
_refine_ls_shell.R_factor_R_free_error 
_refine_ls_shell.R_factor_R_work 
_refine_ls_shell.redundancy_reflns_all 
_refine_ls_shell.redundancy_reflns_obs 
_refine_ls_shell.wR_factor_all 
_refine_ls_shell.wR_factor_obs 
_refine_ls_shell.wR_factor_R_free 
_refine_ls_shell.wR_factor_R_work 
_refine_ls_shell.pdbx_R_complete 
_refine_ls_shell.pdbx_total_number_of_bins_used 
_refine_ls_shell.pdbx_phase_error 
_refine_ls_shell.pdbx_fsc_work 
_refine_ls_shell.pdbx_fsc_free 
'X-RAY DIFFRACTION' 1.5010 1.5692  . . 145 1502 91.0000  . . . 0.3102 0.0000 0.2960 . . . . . . . . . . . 
'X-RAY DIFFRACTION' 1.5692 1.6519  . . 100 1683 100.0000 . . . 0.2531 0.0000 0.2431 . . . . . . . . . . . 
'X-RAY DIFFRACTION' 1.6519 1.7554  . . 158 1649 100.0000 . . . 0.1916 0.0000 0.1992 . . . . . . . . . . . 
'X-RAY DIFFRACTION' 1.7554 1.8909  . . 149 1645 100.0000 . . . 0.2208 0.0000 0.1895 . . . . . . . . . . . 
'X-RAY DIFFRACTION' 1.8909 2.0812  . . 114 1691 100.0000 . . . 0.2185 0.0000 0.1907 . . . . . . . . . . . 
'X-RAY DIFFRACTION' 2.0812 2.3822  . . 133 1659 100.0000 . . . 0.2669 0.0000 0.2085 . . . . . . . . . . . 
'X-RAY DIFFRACTION' 2.3822 3.0008  . . 136 1660 100.0000 . . . 0.1915 0.0000 0.1939 . . . . . . . . . . . 
'X-RAY DIFFRACTION' 3.0008 29.0740 . . 121 1695 100.0000 . . . 0.1319 0.0000 0.1513 . . . . . . . . . . . 
# 
_struct.entry_id                     6M5B 
_struct.title                        'X-ray crystal structure of cyclic-PIP and DNA complex in a reverse binding orientation' 
_struct.pdbx_model_details           ? 
_struct.pdbx_formula_weight          ? 
_struct.pdbx_formula_weight_method   ? 
_struct.pdbx_model_type_details      ? 
_struct.pdbx_CASP_flag               N 
# 
_struct_keywords.entry_id        6M5B 
_struct_keywords.text            'PIP, DNA' 
_struct_keywords.pdbx_keywords   DNA 
# 
loop_
_struct_asym.id 
_struct_asym.pdbx_blank_PDB_chainid_flag 
_struct_asym.pdbx_modified 
_struct_asym.entity_id 
_struct_asym.details 
A N N 1 ? 
B N N 2 ? 
C N N 3 ? 
D N N 4 ? 
E N N 5 ? 
F N N 6 ? 
# 
_struct_ref.id                         1 
_struct_ref.db_name                    PDB 
_struct_ref.db_code                    6M5B 
_struct_ref.pdbx_db_accession          6M5B 
_struct_ref.pdbx_db_isoform            ? 
_struct_ref.entity_id                  1 
_struct_ref.pdbx_seq_one_letter_code   ? 
_struct_ref.pdbx_align_begin           1 
# 
_struct_ref_seq.align_id                      1 
_struct_ref_seq.ref_id                        1 
_struct_ref_seq.pdbx_PDB_id_code              6M5B 
_struct_ref_seq.pdbx_strand_id                A 
_struct_ref_seq.seq_align_beg                 1 
_struct_ref_seq.pdbx_seq_align_beg_ins_code   ? 
_struct_ref_seq.seq_align_end                 10 
_struct_ref_seq.pdbx_seq_align_end_ins_code   ? 
_struct_ref_seq.pdbx_db_accession             6M5B 
_struct_ref_seq.db_align_beg                  1 
_struct_ref_seq.pdbx_db_align_beg_ins_code    ? 
_struct_ref_seq.db_align_end                  10 
_struct_ref_seq.pdbx_db_align_end_ins_code    ? 
_struct_ref_seq.pdbx_auth_seq_align_beg       1 
_struct_ref_seq.pdbx_auth_seq_align_end       10 
# 
_pdbx_struct_assembly.id                   1 
_pdbx_struct_assembly.details              author_and_software_defined_assembly 
_pdbx_struct_assembly.method_details       PISA 
_pdbx_struct_assembly.oligomeric_details   dimeric 
_pdbx_struct_assembly.oligomeric_count     2 
# 
loop_
_pdbx_struct_assembly_prop.biol_id 
_pdbx_struct_assembly_prop.type 
_pdbx_struct_assembly_prop.value 
_pdbx_struct_assembly_prop.details 
1 'ABSA (A^2)' 3260 ? 
1 MORE         -25  ? 
1 'SSA (A^2)'  3810 ? 
# 
_pdbx_struct_assembly_gen.assembly_id       1 
_pdbx_struct_assembly_gen.oper_expression   1,2 
_pdbx_struct_assembly_gen.asym_id_list      A,B,C,D,E,F 
# 
_pdbx_struct_assembly_auth_evidence.id                     1 
_pdbx_struct_assembly_auth_evidence.assembly_id            1 
_pdbx_struct_assembly_auth_evidence.experimental_support   none 
_pdbx_struct_assembly_auth_evidence.details                ? 
# 
loop_
_pdbx_struct_oper_list.id 
_pdbx_struct_oper_list.type 
_pdbx_struct_oper_list.name 
_pdbx_struct_oper_list.symmetry_operation 
_pdbx_struct_oper_list.matrix[1][1] 
_pdbx_struct_oper_list.matrix[1][2] 
_pdbx_struct_oper_list.matrix[1][3] 
_pdbx_struct_oper_list.vector[1] 
_pdbx_struct_oper_list.matrix[2][1] 
_pdbx_struct_oper_list.matrix[2][2] 
_pdbx_struct_oper_list.matrix[2][3] 
_pdbx_struct_oper_list.vector[2] 
_pdbx_struct_oper_list.matrix[3][1] 
_pdbx_struct_oper_list.matrix[3][2] 
_pdbx_struct_oper_list.matrix[3][3] 
_pdbx_struct_oper_list.vector[3] 
1 'identity operation'         1_555  x,y,z       1.0000000000 0.0000000000  0.0000000000  0.0000000000  0.0000000000  1.0000000000  0.0000000000 0.0000000000  0.0000000000  0.0000000000 1.0000000000  0.0000000000  
2 'crystal symmetry operation' 28_555 x,-y,-z+1/2 0.2479731745 -0.9271295536 -0.2809628011 -1.8312480197 -0.9271295536 -0.3112278159 0.2087295799 -2.4263486583 -0.2809628011 0.2087295799 -0.9367453586 -0.1274505238 
# 
loop_
_struct_conn.id 
_struct_conn.conn_type_id 
_struct_conn.pdbx_leaving_atom_flag 
_struct_conn.pdbx_PDB_id 
_struct_conn.ptnr1_label_asym_id 
_struct_conn.ptnr1_label_comp_id 
_struct_conn.ptnr1_label_seq_id 
_struct_conn.ptnr1_label_atom_id 
_struct_conn.pdbx_ptnr1_label_alt_id 
_struct_conn.pdbx_ptnr1_PDB_ins_code 
_struct_conn.pdbx_ptnr1_standard_comp_id 
_struct_conn.ptnr1_symmetry 
_struct_conn.ptnr2_label_asym_id 
_struct_conn.ptnr2_label_comp_id 
_struct_conn.ptnr2_label_seq_id 
_struct_conn.ptnr2_label_atom_id 
_struct_conn.pdbx_ptnr2_label_alt_id 
_struct_conn.pdbx_ptnr2_PDB_ins_code 
_struct_conn.ptnr1_auth_asym_id 
_struct_conn.ptnr1_auth_comp_id 
_struct_conn.ptnr1_auth_seq_id 
_struct_conn.ptnr2_auth_asym_id 
_struct_conn.ptnr2_auth_comp_id 
_struct_conn.ptnr2_auth_seq_id 
_struct_conn.ptnr2_symmetry 
_struct_conn.pdbx_ptnr3_label_atom_id 
_struct_conn.pdbx_ptnr3_label_seq_id 
_struct_conn.pdbx_ptnr3_label_comp_id 
_struct_conn.pdbx_ptnr3_label_asym_id 
_struct_conn.pdbx_ptnr3_label_alt_id 
_struct_conn.pdbx_ptnr3_PDB_ins_code 
_struct_conn.details 
_struct_conn.pdbx_dist_value 
_struct_conn.pdbx_value_order 
_struct_conn.pdbx_role 
covale1  covale both ? A DC  1  "O3'" ? ? ? 1_555 A CBR 2  P  ? ? A DC  1   A CBR 2   1_555  ? ? ? ? ? ? ?            1.607 ? ? 
covale2  covale both ? A CBR 2  "O3'" ? ? ? 1_555 A DA  3  P  ? ? A CBR 2   A DA  3   1_555  ? ? ? ? ? ? ?            1.603 ? ? 
metalc1  metalc ?    ? B S7E .  O4    ? ? ? 1_555 D NA  .  NA ? ? A S7E 101 A NA  103 1_555  ? ? ? ? ? ? ?            2.435 ? ? 
metalc2  metalc ?    ? B S7E .  O5    ? ? ? 1_555 D NA  .  NA ? ? A S7E 101 A NA  103 1_555  ? ? ? ? ? ? ?            2.809 ? ? 
metalc3  metalc ?    ? C MG  .  MG    ? ? ? 1_555 F HOH .  O  ? ? A MG  102 A HOH 208 48_555 ? ? ? ? ? ? ?            2.102 ? ? 
metalc4  metalc ?    ? C MG  .  MG    ? ? ? 1_555 F HOH .  O  ? ? A MG  102 A HOH 210 1_555  ? ? ? ? ? ? ?            2.089 ? ? 
metalc5  metalc ?    ? C MG  .  MG    ? ? ? 1_555 F HOH .  O  ? ? A MG  102 A HOH 217 1_555  ? ? ? ? ? ? ?            2.149 ? ? 
metalc6  metalc ?    ? C MG  .  MG    ? ? ? 1_555 F HOH .  O  ? ? A MG  102 A HOH 220 1_555  ? ? ? ? ? ? ?            2.142 ? ? 
metalc7  metalc ?    ? C MG  .  MG    ? ? ? 1_555 F HOH .  O  ? ? A MG  102 A HOH 228 48_555 ? ? ? ? ? ? ?            2.079 ? ? 
metalc8  metalc ?    ? C MG  .  MG    ? ? ? 1_555 F HOH .  O  ? ? A MG  102 A HOH 245 9_555  ? ? ? ? ? ? ?            2.021 ? ? 
metalc9  metalc ?    ? D NA  .  NA    ? ? ? 1_555 F HOH .  O  ? ? A NA  103 A HOH 237 30_555 ? ? ? ? ? ? ?            2.654 ? ? 
metalc10 metalc ?    ? D NA  .  NA    ? ? ? 1_555 F HOH .  O  ? ? A NA  103 A HOH 238 28_555 ? ? ? ? ? ? ?            2.476 ? ? 
metalc11 metalc ?    ? D NA  .  NA    ? ? ? 1_555 F HOH .  O  ? ? A NA  103 A HOH 241 1_555  ? ? ? ? ? ? ?            2.391 ? ? 
metalc12 metalc ?    ? D NA  .  NA    ? ? ? 1_555 F HOH .  O  ? ? A NA  103 A HOH 242 1_555  ? ? ? ? ? ? ?            2.515 ? ? 
hydrog1  hydrog ?    ? A DC  1  N3    ? ? ? 1_555 A DG  10 N1 ? ? A DC  1   A DG  10  28_555 ? ? ? ? ? ? WATSON-CRICK ?     ? ? 
hydrog2  hydrog ?    ? A DC  1  N4    ? ? ? 1_555 A DG  10 O6 ? ? A DC  1   A DG  10  28_555 ? ? ? ? ? ? WATSON-CRICK ?     ? ? 
hydrog3  hydrog ?    ? A DC  1  O2    ? ? ? 1_555 A DG  10 N2 ? ? A DC  1   A DG  10  28_555 ? ? ? ? ? ? WATSON-CRICK ?     ? ? 
hydrog4  hydrog ?    ? A CBR 2  N3    ? ? ? 1_555 A DG  9  N1 ? ? A CBR 2   A DG  9   28_555 ? ? ? ? ? ? WATSON-CRICK ?     ? ? 
hydrog5  hydrog ?    ? A CBR 2  N4    ? ? ? 1_555 A DG  9  O6 ? ? A CBR 2   A DG  9   28_555 ? ? ? ? ? ? WATSON-CRICK ?     ? ? 
hydrog6  hydrog ?    ? A CBR 2  O2    ? ? ? 1_555 A DG  9  N2 ? ? A CBR 2   A DG  9   28_555 ? ? ? ? ? ? WATSON-CRICK ?     ? ? 
hydrog7  hydrog ?    ? A DA  3  N1    ? ? ? 1_555 A DT  8  N3 ? ? A DA  3   A DT  8   28_555 ? ? ? ? ? ? WATSON-CRICK ?     ? ? 
hydrog8  hydrog ?    ? A DA  3  N6    ? ? ? 1_555 A DT  8  O4 ? ? A DA  3   A DT  8   28_555 ? ? ? ? ? ? WATSON-CRICK ?     ? ? 
hydrog9  hydrog ?    ? A DG  4  N1    ? ? ? 1_555 A DC  7  N3 ? ? A DG  4   A DC  7   28_555 ? ? ? ? ? ? WATSON-CRICK ?     ? ? 
hydrog10 hydrog ?    ? A DG  4  N2    ? ? ? 1_555 A DC  7  O2 ? ? A DG  4   A DC  7   28_555 ? ? ? ? ? ? WATSON-CRICK ?     ? ? 
hydrog11 hydrog ?    ? A DG  4  O6    ? ? ? 1_555 A DC  7  N4 ? ? A DG  4   A DC  7   28_555 ? ? ? ? ? ? WATSON-CRICK ?     ? ? 
hydrog12 hydrog ?    ? A DG  5  N1    ? ? ? 1_555 A DC  6  N3 ? ? A DG  5   A DC  6   28_555 ? ? ? ? ? ? WATSON-CRICK ?     ? ? 
hydrog13 hydrog ?    ? A DG  5  N2    ? ? ? 1_555 A DC  6  O2 ? ? A DG  5   A DC  6   28_555 ? ? ? ? ? ? WATSON-CRICK ?     ? ? 
hydrog14 hydrog ?    ? A DG  5  O6    ? ? ? 1_555 A DC  6  N4 ? ? A DG  5   A DC  6   28_555 ? ? ? ? ? ? WATSON-CRICK ?     ? ? 
hydrog15 hydrog ?    ? A DC  6  N3    ? ? ? 1_555 A DG  5  N1 ? ? A DC  6   A DG  5   28_555 ? ? ? ? ? ? WATSON-CRICK ?     ? ? 
hydrog16 hydrog ?    ? A DC  6  N4    ? ? ? 1_555 A DG  5  O6 ? ? A DC  6   A DG  5   28_555 ? ? ? ? ? ? WATSON-CRICK ?     ? ? 
hydrog17 hydrog ?    ? A DC  6  O2    ? ? ? 1_555 A DG  5  N2 ? ? A DC  6   A DG  5   28_555 ? ? ? ? ? ? WATSON-CRICK ?     ? ? 
hydrog18 hydrog ?    ? A DC  7  N3    ? ? ? 1_555 A DG  4  N1 ? ? A DC  7   A DG  4   28_555 ? ? ? ? ? ? WATSON-CRICK ?     ? ? 
hydrog19 hydrog ?    ? A DC  7  N4    ? ? ? 1_555 A DG  4  O6 ? ? A DC  7   A DG  4   28_555 ? ? ? ? ? ? WATSON-CRICK ?     ? ? 
hydrog20 hydrog ?    ? A DC  7  O2    ? ? ? 1_555 A DG  4  N2 ? ? A DC  7   A DG  4   28_555 ? ? ? ? ? ? WATSON-CRICK ?     ? ? 
hydrog21 hydrog ?    ? A DT  8  N3    ? ? ? 1_555 A DA  3  N1 ? ? A DT  8   A DA  3   28_555 ? ? ? ? ? ? WATSON-CRICK ?     ? ? 
hydrog22 hydrog ?    ? A DT  8  O4    ? ? ? 1_555 A DA  3  N6 ? ? A DT  8   A DA  3   28_555 ? ? ? ? ? ? WATSON-CRICK ?     ? ? 
hydrog23 hydrog ?    ? A DG  9  N1    ? ? ? 1_555 A CBR 2  N3 ? ? A DG  9   A CBR 2   28_555 ? ? ? ? ? ? WATSON-CRICK ?     ? ? 
hydrog24 hydrog ?    ? A DG  9  N2    ? ? ? 1_555 A CBR 2  O2 ? ? A DG  9   A CBR 2   28_555 ? ? ? ? ? ? WATSON-CRICK ?     ? ? 
hydrog25 hydrog ?    ? A DG  9  O6    ? ? ? 1_555 A CBR 2  N4 ? ? A DG  9   A CBR 2   28_555 ? ? ? ? ? ? WATSON-CRICK ?     ? ? 
hydrog26 hydrog ?    ? A DG  10 N1    ? ? ? 1_555 A DC  1  N3 ? ? A DG  10  A DC  1   28_555 ? ? ? ? ? ? WATSON-CRICK ?     ? ? 
hydrog27 hydrog ?    ? A DG  10 N2    ? ? ? 1_555 A DC  1  O2 ? ? A DG  10  A DC  1   28_555 ? ? ? ? ? ? WATSON-CRICK ?     ? ? 
hydrog28 hydrog ?    ? A DG  10 O6    ? ? ? 1_555 A DC  1  N4 ? ? A DG  10  A DC  1   28_555 ? ? ? ? ? ? WATSON-CRICK ?     ? ? 
# 
loop_
_struct_conn_type.id 
_struct_conn_type.criteria 
_struct_conn_type.reference 
covale ? ? 
metalc ? ? 
hydrog ? ? 
# 
loop_
_pdbx_struct_conn_angle.id 
_pdbx_struct_conn_angle.ptnr1_label_atom_id 
_pdbx_struct_conn_angle.ptnr1_label_alt_id 
_pdbx_struct_conn_angle.ptnr1_label_asym_id 
_pdbx_struct_conn_angle.ptnr1_label_comp_id 
_pdbx_struct_conn_angle.ptnr1_label_seq_id 
_pdbx_struct_conn_angle.ptnr1_auth_atom_id 
_pdbx_struct_conn_angle.ptnr1_auth_asym_id 
_pdbx_struct_conn_angle.ptnr1_auth_comp_id 
_pdbx_struct_conn_angle.ptnr1_auth_seq_id 
_pdbx_struct_conn_angle.ptnr1_PDB_ins_code 
_pdbx_struct_conn_angle.ptnr1_symmetry 
_pdbx_struct_conn_angle.ptnr2_label_atom_id 
_pdbx_struct_conn_angle.ptnr2_label_alt_id 
_pdbx_struct_conn_angle.ptnr2_label_asym_id 
_pdbx_struct_conn_angle.ptnr2_label_comp_id 
_pdbx_struct_conn_angle.ptnr2_label_seq_id 
_pdbx_struct_conn_angle.ptnr2_auth_atom_id 
_pdbx_struct_conn_angle.ptnr2_auth_asym_id 
_pdbx_struct_conn_angle.ptnr2_auth_comp_id 
_pdbx_struct_conn_angle.ptnr2_auth_seq_id 
_pdbx_struct_conn_angle.ptnr2_PDB_ins_code 
_pdbx_struct_conn_angle.ptnr2_symmetry 
_pdbx_struct_conn_angle.ptnr3_label_atom_id 
_pdbx_struct_conn_angle.ptnr3_label_alt_id 
_pdbx_struct_conn_angle.ptnr3_label_asym_id 
_pdbx_struct_conn_angle.ptnr3_label_comp_id 
_pdbx_struct_conn_angle.ptnr3_label_seq_id 
_pdbx_struct_conn_angle.ptnr3_auth_atom_id 
_pdbx_struct_conn_angle.ptnr3_auth_asym_id 
_pdbx_struct_conn_angle.ptnr3_auth_comp_id 
_pdbx_struct_conn_angle.ptnr3_auth_seq_id 
_pdbx_struct_conn_angle.ptnr3_PDB_ins_code 
_pdbx_struct_conn_angle.ptnr3_symmetry 
_pdbx_struct_conn_angle.value 
_pdbx_struct_conn_angle.value_esd 
1  O4 ? B S7E . ? A S7E 101 ? 1_555  NA ? D NA . ? A NA 103 ? 1_555 O5 ? B S7E . ? A S7E 101 ? 1_555  71.5  ? 
2  O4 ? B S7E . ? A S7E 101 ? 1_555  NA ? D NA . ? A NA 103 ? 1_555 O  ? F HOH . ? A HOH 237 ? 30_555 103.4 ? 
3  O5 ? B S7E . ? A S7E 101 ? 1_555  NA ? D NA . ? A NA 103 ? 1_555 O  ? F HOH . ? A HOH 237 ? 30_555 174.6 ? 
4  O4 ? B S7E . ? A S7E 101 ? 1_555  NA ? D NA . ? A NA 103 ? 1_555 O  ? F HOH . ? A HOH 238 ? 28_555 95.0  ? 
5  O5 ? B S7E . ? A S7E 101 ? 1_555  NA ? D NA . ? A NA 103 ? 1_555 O  ? F HOH . ? A HOH 238 ? 28_555 124.8 ? 
6  O  ? F HOH . ? A HOH 237 ? 30_555 NA ? D NA . ? A NA 103 ? 1_555 O  ? F HOH . ? A HOH 238 ? 28_555 53.1  ? 
7  O4 ? B S7E . ? A S7E 101 ? 1_555  NA ? D NA . ? A NA 103 ? 1_555 O  ? F HOH . ? A HOH 241 ? 1_555  162.7 ? 
8  O5 ? B S7E . ? A S7E 101 ? 1_555  NA ? D NA . ? A NA 103 ? 1_555 O  ? F HOH . ? A HOH 241 ? 1_555  94.2  ? 
9  O  ? F HOH . ? A HOH 237 ? 30_555 NA ? D NA . ? A NA 103 ? 1_555 O  ? F HOH . ? A HOH 241 ? 1_555  90.6  ? 
10 O  ? F HOH . ? A HOH 238 ? 28_555 NA ? D NA . ? A NA 103 ? 1_555 O  ? F HOH . ? A HOH 241 ? 1_555  85.2  ? 
11 O4 ? B S7E . ? A S7E 101 ? 1_555  NA ? D NA . ? A NA 103 ? 1_555 O  ? F HOH . ? A HOH 242 ? 1_555  106.0 ? 
12 O5 ? B S7E . ? A S7E 101 ? 1_555  NA ? D NA . ? A NA 103 ? 1_555 O  ? F HOH . ? A HOH 242 ? 1_555  105.2 ? 
13 O  ? F HOH . ? A HOH 237 ? 30_555 NA ? D NA . ? A NA 103 ? 1_555 O  ? F HOH . ? A HOH 242 ? 1_555  77.5  ? 
14 O  ? F HOH . ? A HOH 238 ? 28_555 NA ? D NA . ? A NA 103 ? 1_555 O  ? F HOH . ? A HOH 242 ? 1_555  129.7 ? 
15 O  ? F HOH . ? A HOH 241 ? 1_555  NA ? D NA . ? A NA 103 ? 1_555 O  ? F HOH . ? A HOH 242 ? 1_555  86.8  ? 
16 O  ? F HOH . ? A HOH 208 ? 48_555 MG ? C MG . ? A MG 102 ? 1_555 O  ? F HOH . ? A HOH 210 ? 1_555  91.8  ? 
17 O  ? F HOH . ? A HOH 208 ? 48_555 MG ? C MG . ? A MG 102 ? 1_555 O  ? F HOH . ? A HOH 217 ? 1_555  88.8  ? 
18 O  ? F HOH . ? A HOH 210 ? 1_555  MG ? C MG . ? A MG 102 ? 1_555 O  ? F HOH . ? A HOH 217 ? 1_555  86.8  ? 
19 O  ? F HOH . ? A HOH 208 ? 48_555 MG ? C MG . ? A MG 102 ? 1_555 O  ? F HOH . ? A HOH 220 ? 1_555  175.6 ? 
20 O  ? F HOH . ? A HOH 210 ? 1_555  MG ? C MG . ? A MG 102 ? 1_555 O  ? F HOH . ? A HOH 220 ? 1_555  90.2  ? 
21 O  ? F HOH . ? A HOH 217 ? 1_555  MG ? C MG . ? A MG 102 ? 1_555 O  ? F HOH . ? A HOH 220 ? 1_555  87.4  ? 
22 O  ? F HOH . ? A HOH 208 ? 48_555 MG ? C MG . ? A MG 102 ? 1_555 O  ? F HOH . ? A HOH 228 ? 48_555 93.9  ? 
23 O  ? F HOH . ? A HOH 210 ? 1_555  MG ? C MG . ? A MG 102 ? 1_555 O  ? F HOH . ? A HOH 228 ? 48_555 173.8 ? 
24 O  ? F HOH . ? A HOH 217 ? 1_555  MG ? C MG . ? A MG 102 ? 1_555 O  ? F HOH . ? A HOH 228 ? 48_555 95.7  ? 
25 O  ? F HOH . ? A HOH 220 ? 1_555  MG ? C MG . ? A MG 102 ? 1_555 O  ? F HOH . ? A HOH 228 ? 48_555 84.3  ? 
26 O  ? F HOH . ? A HOH 208 ? 48_555 MG ? C MG . ? A MG 102 ? 1_555 O  ? F HOH . ? A HOH 245 ? 9_555  90.3  ? 
27 O  ? F HOH . ? A HOH 210 ? 1_555  MG ? C MG . ? A MG 102 ? 1_555 O  ? F HOH . ? A HOH 245 ? 9_555  90.9  ? 
28 O  ? F HOH . ? A HOH 217 ? 1_555  MG ? C MG . ? A MG 102 ? 1_555 O  ? F HOH . ? A HOH 245 ? 9_555  177.5 ? 
29 O  ? F HOH . ? A HOH 220 ? 1_555  MG ? C MG . ? A MG 102 ? 1_555 O  ? F HOH . ? A HOH 245 ? 9_555  93.7  ? 
30 O  ? F HOH . ? A HOH 228 ? 48_555 MG ? C MG . ? A MG 102 ? 1_555 O  ? F HOH . ? A HOH 245 ? 9_555  86.6  ? 
# 
loop_
_struct_site.id 
_struct_site.pdbx_evidence_code 
_struct_site.pdbx_auth_asym_id 
_struct_site.pdbx_auth_comp_id 
_struct_site.pdbx_auth_seq_id 
_struct_site.pdbx_auth_ins_code 
_struct_site.pdbx_num_residues 
_struct_site.details 
AC1 Software A S7E 101 ? 15 'binding site for residue S7E A 101' 
AC2 Software A MG  102 ? 6  'binding site for residue MG A 102'  
AC3 Software A NA  103 ? 5  'binding site for residue NA A 103'  
AC4 Software A EDO 104 ? 5  'binding site for residue EDO A 104' 
# 
loop_
_struct_site_gen.id 
_struct_site_gen.site_id 
_struct_site_gen.pdbx_num_res 
_struct_site_gen.label_comp_id 
_struct_site_gen.label_asym_id 
_struct_site_gen.label_seq_id 
_struct_site_gen.pdbx_auth_ins_code 
_struct_site_gen.auth_comp_id 
_struct_site_gen.auth_asym_id 
_struct_site_gen.auth_seq_id 
_struct_site_gen.label_atom_id 
_struct_site_gen.label_alt_id 
_struct_site_gen.symmetry 
_struct_site_gen.details 
1  AC1 15 DC  A 1  ? DC  A 1   . ? 21_455 ? 
2  AC1 15 DG  A 4  ? DG  A 4   . ? 28_555 ? 
3  AC1 15 DG  A 4  ? DG  A 4   . ? 1_555  ? 
4  AC1 15 DG  A 5  ? DG  A 5   . ? 1_555  ? 
5  AC1 15 DG  A 5  ? DG  A 5   . ? 28_555 ? 
6  AC1 15 DC  A 6  ? DC  A 6   . ? 1_555  ? 
7  AC1 15 DC  A 7  ? DC  A 7   . ? 1_555  ? 
8  AC1 15 DT  A 8  ? DT  A 8   . ? 28_555 ? 
9  AC1 15 DT  A 8  ? DT  A 8   . ? 1_555  ? 
10 AC1 15 DG  A 9  ? DG  A 9   . ? 28_555 ? 
11 AC1 15 NA  D .  ? NA  A 103 . ? 1_555  ? 
12 AC1 15 EDO E .  ? EDO A 104 . ? 1_555  ? 
13 AC1 15 HOH F .  ? HOH A 215 . ? 1_555  ? 
14 AC1 15 HOH F .  ? HOH A 216 . ? 1_555  ? 
15 AC1 15 HOH F .  ? HOH A 233 . ? 1_555  ? 
16 AC2 6  HOH F .  ? HOH A 208 . ? 48_555 ? 
17 AC2 6  HOH F .  ? HOH A 210 . ? 1_555  ? 
18 AC2 6  HOH F .  ? HOH A 217 . ? 1_555  ? 
19 AC2 6  HOH F .  ? HOH A 220 . ? 1_555  ? 
20 AC2 6  HOH F .  ? HOH A 228 . ? 48_555 ? 
21 AC2 6  HOH F .  ? HOH A 245 . ? 9_555  ? 
22 AC3 5  S7E B .  ? S7E A 101 . ? 1_555  ? 
23 AC3 5  HOH F .  ? HOH A 237 . ? 30_555 ? 
24 AC3 5  HOH F .  ? HOH A 238 . ? 28_555 ? 
25 AC3 5  HOH F .  ? HOH A 241 . ? 1_555  ? 
26 AC3 5  HOH F .  ? HOH A 242 . ? 1_555  ? 
27 AC4 5  DG  A 10 ? DG  A 10  . ? 30_555 ? 
28 AC4 5  S7E B .  ? S7E A 101 . ? 1_555  ? 
29 AC4 5  HOH F .  ? HOH A 202 . ? 1_555  ? 
30 AC4 5  HOH F .  ? HOH A 202 . ? 18_545 ? 
31 AC4 5  HOH F .  ? HOH A 219 . ? 18_545 ? 
# 
_pdbx_validate_symm_contact.id                1 
_pdbx_validate_symm_contact.PDB_model_num     1 
_pdbx_validate_symm_contact.auth_atom_id_1    C22 
_pdbx_validate_symm_contact.auth_asym_id_1    A 
_pdbx_validate_symm_contact.auth_comp_id_1    S7E 
_pdbx_validate_symm_contact.auth_seq_id_1     101 
_pdbx_validate_symm_contact.PDB_ins_code_1    ? 
_pdbx_validate_symm_contact.label_alt_id_1    ? 
_pdbx_validate_symm_contact.site_symmetry_1   1_555 
_pdbx_validate_symm_contact.auth_atom_id_2    N22 
_pdbx_validate_symm_contact.auth_asym_id_2    A 
_pdbx_validate_symm_contact.auth_comp_id_2    S7E 
_pdbx_validate_symm_contact.auth_seq_id_2     101 
_pdbx_validate_symm_contact.PDB_ins_code_2    ? 
_pdbx_validate_symm_contact.label_alt_id_2    ? 
_pdbx_validate_symm_contact.site_symmetry_2   28_555 
_pdbx_validate_symm_contact.dist              1.33 
# 
loop_
_pdbx_struct_special_symmetry.id 
_pdbx_struct_special_symmetry.PDB_model_num 
_pdbx_struct_special_symmetry.auth_asym_id 
_pdbx_struct_special_symmetry.auth_comp_id 
_pdbx_struct_special_symmetry.auth_seq_id 
_pdbx_struct_special_symmetry.PDB_ins_code 
_pdbx_struct_special_symmetry.label_asym_id 
_pdbx_struct_special_symmetry.label_comp_id 
_pdbx_struct_special_symmetry.label_seq_id 
1 1 A HOH 201 ? F HOH . 
2 1 A HOH 202 ? F HOH . 
3 1 A HOH 223 ? F HOH . 
4 1 A HOH 239 ? F HOH . 
# 
loop_
_space_group_symop.id 
_space_group_symop.operation_xyz 
1  x,y,z                
2  x+1/4,-z+1/4,y+3/4   
3  x+1/4,z+3/4,-y+3/4   
4  z+1/4,y+3/4,-x+3/4   
5  -z+1/4,y+3/4,x+1/4   
6  -y+1/4,x+3/4,z+1/4   
7  y+1/4,-x+1/4,z+3/4   
8  z,x,y                
9  y,z,x                
10 -y,-z+1/2,x          
11 z,-x,-y+1/2          
12 -y+1/2,z,-x          
13 -z,-x+1/2,y          
14 -z+1/2,x,-y          
15 y,-z,-x+1/2          
16 x,-y,-z+1/2          
17 -x+1/2,y,-z          
18 -x,-y+1/2,z          
19 y+1/4,x+3/4,-z+3/4   
20 -y+1/4,-x+1/4,-z+1/4 
21 z+1/4,-y+1/4,x+3/4   
22 -z+1/4,-y+1/4,-x+1/4 
23 -x+1/4,z+3/4,y+1/4   
24 -x+1/4,-z+1/4,-y+1/4 
25 x+1/2,y+1/2,z+1/2    
26 x+3/4,-z+3/4,y+5/4   
27 x+3/4,z+5/4,-y+5/4   
28 z+3/4,y+5/4,-x+5/4   
29 -z+3/4,y+5/4,x+3/4   
30 -y+3/4,x+5/4,z+3/4   
31 y+3/4,-x+3/4,z+5/4   
32 z+1/2,x+1/2,y+1/2    
33 y+1/2,z+1/2,x+1/2    
34 -y+1/2,-z+1,x+1/2    
35 z+1/2,-x+1/2,-y+1    
36 -y+1,z+1/2,-x+1/2    
37 -z+1/2,-x+1,y+1/2    
38 -z+1,x+1/2,-y+1/2    
39 y+1/2,-z+1/2,-x+1    
40 x+1/2,-y+1/2,-z+1    
41 -x+1,y+1/2,-z+1/2    
42 -x+1/2,-y+1,z+1/2    
43 y+3/4,x+5/4,-z+5/4   
44 -y+3/4,-x+3/4,-z+3/4 
45 z+3/4,-y+3/4,x+5/4   
46 -z+3/4,-y+3/4,-x+3/4 
47 -x+3/4,z+5/4,y+3/4   
48 -x+3/4,-z+3/4,-y+3/4 
# 
_pdbx_entry_details.entry_id                 6M5B 
_pdbx_entry_details.nonpolymer_details       ? 
_pdbx_entry_details.sequence_details         ? 
_pdbx_entry_details.compound_details         ? 
_pdbx_entry_details.source_details           ? 
_pdbx_entry_details.has_ligand_of_interest   Y 
# 
loop_
_chem_comp_atom.comp_id 
_chem_comp_atom.atom_id 
_chem_comp_atom.type_symbol 
_chem_comp_atom.pdbx_aromatic_flag 
_chem_comp_atom.pdbx_stereo_config 
_chem_comp_atom.pdbx_ordinal 
CBR BR     BR N N 1   
CBR P      P  N N 2   
CBR OP1    O  N N 3   
CBR OP2    O  N N 4   
CBR "O5'"  O  N N 5   
CBR N1     N  N N 6   
CBR C6     C  N N 7   
CBR C2     C  N N 8   
CBR O2     O  N N 9   
CBR N3     N  N N 10  
CBR C4     C  N N 11  
CBR N4     N  N N 12  
CBR C5     C  N N 13  
CBR "C2'"  C  N N 14  
CBR "C5'"  C  N N 15  
CBR "C4'"  C  N R 16  
CBR "O4'"  O  N N 17  
CBR "C1'"  C  N R 18  
CBR "C3'"  C  N S 19  
CBR "O3'"  O  N N 20  
CBR OP3    O  N N 21  
CBR HOP2   H  N N 22  
CBR H6     H  N N 23  
CBR H41    H  N N 24  
CBR H42    H  N N 25  
CBR "H2'"  H  N N 26  
CBR "H2''" H  N N 27  
CBR "H5'"  H  N N 28  
CBR "H5''" H  N N 29  
CBR "H4'"  H  N N 30  
CBR "H1'"  H  N N 31  
CBR "H3'"  H  N N 32  
CBR "HO3'" H  N N 33  
CBR HOP3   H  N N 34  
DA  OP3    O  N N 35  
DA  P      P  N N 36  
DA  OP1    O  N N 37  
DA  OP2    O  N N 38  
DA  "O5'"  O  N N 39  
DA  "C5'"  C  N N 40  
DA  "C4'"  C  N R 41  
DA  "O4'"  O  N N 42  
DA  "C3'"  C  N S 43  
DA  "O3'"  O  N N 44  
DA  "C2'"  C  N N 45  
DA  "C1'"  C  N R 46  
DA  N9     N  Y N 47  
DA  C8     C  Y N 48  
DA  N7     N  Y N 49  
DA  C5     C  Y N 50  
DA  C6     C  Y N 51  
DA  N6     N  N N 52  
DA  N1     N  Y N 53  
DA  C2     C  Y N 54  
DA  N3     N  Y N 55  
DA  C4     C  Y N 56  
DA  HOP3   H  N N 57  
DA  HOP2   H  N N 58  
DA  "H5'"  H  N N 59  
DA  "H5''" H  N N 60  
DA  "H4'"  H  N N 61  
DA  "H3'"  H  N N 62  
DA  "HO3'" H  N N 63  
DA  "H2'"  H  N N 64  
DA  "H2''" H  N N 65  
DA  "H1'"  H  N N 66  
DA  H8     H  N N 67  
DA  H61    H  N N 68  
DA  H62    H  N N 69  
DA  H2     H  N N 70  
DC  OP3    O  N N 71  
DC  P      P  N N 72  
DC  OP1    O  N N 73  
DC  OP2    O  N N 74  
DC  "O5'"  O  N N 75  
DC  "C5'"  C  N N 76  
DC  "C4'"  C  N R 77  
DC  "O4'"  O  N N 78  
DC  "C3'"  C  N S 79  
DC  "O3'"  O  N N 80  
DC  "C2'"  C  N N 81  
DC  "C1'"  C  N R 82  
DC  N1     N  N N 83  
DC  C2     C  N N 84  
DC  O2     O  N N 85  
DC  N3     N  N N 86  
DC  C4     C  N N 87  
DC  N4     N  N N 88  
DC  C5     C  N N 89  
DC  C6     C  N N 90  
DC  HOP3   H  N N 91  
DC  HOP2   H  N N 92  
DC  "H5'"  H  N N 93  
DC  "H5''" H  N N 94  
DC  "H4'"  H  N N 95  
DC  "H3'"  H  N N 96  
DC  "HO3'" H  N N 97  
DC  "H2'"  H  N N 98  
DC  "H2''" H  N N 99  
DC  "H1'"  H  N N 100 
DC  H41    H  N N 101 
DC  H42    H  N N 102 
DC  H5     H  N N 103 
DC  H6     H  N N 104 
DG  OP3    O  N N 105 
DG  P      P  N N 106 
DG  OP1    O  N N 107 
DG  OP2    O  N N 108 
DG  "O5'"  O  N N 109 
DG  "C5'"  C  N N 110 
DG  "C4'"  C  N R 111 
DG  "O4'"  O  N N 112 
DG  "C3'"  C  N S 113 
DG  "O3'"  O  N N 114 
DG  "C2'"  C  N N 115 
DG  "C1'"  C  N R 116 
DG  N9     N  Y N 117 
DG  C8     C  Y N 118 
DG  N7     N  Y N 119 
DG  C5     C  Y N 120 
DG  C6     C  N N 121 
DG  O6     O  N N 122 
DG  N1     N  N N 123 
DG  C2     C  N N 124 
DG  N2     N  N N 125 
DG  N3     N  N N 126 
DG  C4     C  Y N 127 
DG  HOP3   H  N N 128 
DG  HOP2   H  N N 129 
DG  "H5'"  H  N N 130 
DG  "H5''" H  N N 131 
DG  "H4'"  H  N N 132 
DG  "H3'"  H  N N 133 
DG  "HO3'" H  N N 134 
DG  "H2'"  H  N N 135 
DG  "H2''" H  N N 136 
DG  "H1'"  H  N N 137 
DG  H8     H  N N 138 
DG  H1     H  N N 139 
DG  H21    H  N N 140 
DG  H22    H  N N 141 
DT  OP3    O  N N 142 
DT  P      P  N N 143 
DT  OP1    O  N N 144 
DT  OP2    O  N N 145 
DT  "O5'"  O  N N 146 
DT  "C5'"  C  N N 147 
DT  "C4'"  C  N R 148 
DT  "O4'"  O  N N 149 
DT  "C3'"  C  N S 150 
DT  "O3'"  O  N N 151 
DT  "C2'"  C  N N 152 
DT  "C1'"  C  N R 153 
DT  N1     N  N N 154 
DT  C2     C  N N 155 
DT  O2     O  N N 156 
DT  N3     N  N N 157 
DT  C4     C  N N 158 
DT  O4     O  N N 159 
DT  C5     C  N N 160 
DT  C7     C  N N 161 
DT  C6     C  N N 162 
DT  HOP3   H  N N 163 
DT  HOP2   H  N N 164 
DT  "H5'"  H  N N 165 
DT  "H5''" H  N N 166 
DT  "H4'"  H  N N 167 
DT  "H3'"  H  N N 168 
DT  "HO3'" H  N N 169 
DT  "H2'"  H  N N 170 
DT  "H2''" H  N N 171 
DT  "H1'"  H  N N 172 
DT  H3     H  N N 173 
DT  H71    H  N N 174 
DT  H72    H  N N 175 
DT  H73    H  N N 176 
DT  H6     H  N N 177 
EDO C1     C  N N 178 
EDO O1     O  N N 179 
EDO C2     C  N N 180 
EDO O2     O  N N 181 
EDO H11    H  N N 182 
EDO H12    H  N N 183 
EDO HO1    H  N N 184 
EDO H21    H  N N 185 
EDO H22    H  N N 186 
EDO HO2    H  N N 187 
HOH O      O  N N 188 
HOH H1     H  N N 189 
HOH H2     H  N N 190 
MG  MG     MG N N 191 
NA  NA     NA N N 192 
S7E C18    C  Y N 193 
S7E C21    C  Y N 194 
S7E C22    C  N N 195 
S7E C26    C  N N 196 
S7E C27    C  Y N 197 
S7E C29    C  Y N 198 
S7E C30    C  N N 199 
S7E C31    C  Y N 200 
S7E C32    C  N N 201 
S7E C34    C  Y N 202 
S7E C35    C  Y N 203 
S7E C36    C  N N 204 
S7E C37    C  Y N 205 
S7E C38    C  N N 206 
S7E C39    C  Y N 207 
S7E C40    C  Y N 208 
S7E C41    C  N N 209 
S7E C42    C  Y N 210 
S7E C43    C  N N 211 
S7E C44    C  Y N 212 
S7E C45    C  Y N 213 
S7E C46    C  Y N 214 
S7E C47    C  N N 215 
S7E C49    C  N S 216 
S7E C50    C  N N 217 
S7E C51    C  N N 218 
S7E N12    N  N N 219 
S7E N13    N  Y N 220 
S7E N14    N  N N 221 
S7E N15    N  Y N 222 
S7E N16    N  N N 223 
S7E N17    N  Y N 224 
S7E N19    N  N N 225 
S7E N20    N  Y N 226 
S7E N22    N  N N 227 
S7E N23    N  N N 228 
S7E N28    N  Y N 229 
S7E N33    N  Y N 230 
S7E O4     O  N N 231 
S7E O5     O  N N 232 
S7E O6     O  N N 233 
S7E O7     O  N N 234 
S7E O8     O  N N 235 
S7E H1     H  N N 236 
S7E H2     H  N N 237 
S7E H3     H  N N 238 
S7E H4     H  N N 239 
S7E H5     H  N N 240 
S7E H6     H  N N 241 
S7E H7     H  N N 242 
S7E H8     H  N N 243 
S7E H9     H  N N 244 
S7E H10    H  N N 245 
S7E H11    H  N N 246 
S7E H12    H  N N 247 
S7E H13    H  N N 248 
S7E H14    H  N N 249 
S7E H15    H  N N 250 
S7E H16    H  N N 251 
S7E H17    H  N N 252 
S7E H18    H  N N 253 
S7E H19    H  N N 254 
S7E H20    H  N N 255 
S7E H21    H  N N 256 
S7E H22    H  N N 257 
S7E H23    H  N N 258 
S7E H24    H  N N 259 
S7E H25    H  N N 260 
S7E H26    H  N N 261 
S7E H27    H  N N 262 
S7E H28    H  N N 263 
S7E H29    H  N N 264 
S7E H30    H  N N 265 
S7E H31    H  N N 266 
S7E H32    H  N N 267 
# 
loop_
_chem_comp_bond.comp_id 
_chem_comp_bond.atom_id_1 
_chem_comp_bond.atom_id_2 
_chem_comp_bond.value_order 
_chem_comp_bond.pdbx_aromatic_flag 
_chem_comp_bond.pdbx_stereo_config 
_chem_comp_bond.pdbx_ordinal 
CBR BR    C5     sing N N 1   
CBR P     OP1    doub N N 2   
CBR P     OP2    sing N N 3   
CBR P     "O5'"  sing N N 4   
CBR P     OP3    sing N N 5   
CBR OP2   HOP2   sing N N 6   
CBR "O5'" "C5'"  sing N N 7   
CBR N1    C6     sing N N 8   
CBR N1    C2     sing N N 9   
CBR N1    "C1'"  sing N N 10  
CBR C6    C5     doub N N 11  
CBR C6    H6     sing N N 12  
CBR C2    O2     doub N N 13  
CBR C2    N3     sing N N 14  
CBR N3    C4     doub N N 15  
CBR C4    N4     sing N N 16  
CBR C4    C5     sing N N 17  
CBR N4    H41    sing N N 18  
CBR N4    H42    sing N N 19  
CBR "C2'" "C1'"  sing N N 20  
CBR "C2'" "C3'"  sing N N 21  
CBR "C2'" "H2'"  sing N N 22  
CBR "C2'" "H2''" sing N N 23  
CBR "C5'" "C4'"  sing N N 24  
CBR "C5'" "H5'"  sing N N 25  
CBR "C5'" "H5''" sing N N 26  
CBR "C4'" "O4'"  sing N N 27  
CBR "C4'" "C3'"  sing N N 28  
CBR "C4'" "H4'"  sing N N 29  
CBR "O4'" "C1'"  sing N N 30  
CBR "C1'" "H1'"  sing N N 31  
CBR "C3'" "O3'"  sing N N 32  
CBR "C3'" "H3'"  sing N N 33  
CBR "O3'" "HO3'" sing N N 34  
CBR OP3   HOP3   sing N N 35  
DA  OP3   P      sing N N 36  
DA  OP3   HOP3   sing N N 37  
DA  P     OP1    doub N N 38  
DA  P     OP2    sing N N 39  
DA  P     "O5'"  sing N N 40  
DA  OP2   HOP2   sing N N 41  
DA  "O5'" "C5'"  sing N N 42  
DA  "C5'" "C4'"  sing N N 43  
DA  "C5'" "H5'"  sing N N 44  
DA  "C5'" "H5''" sing N N 45  
DA  "C4'" "O4'"  sing N N 46  
DA  "C4'" "C3'"  sing N N 47  
DA  "C4'" "H4'"  sing N N 48  
DA  "O4'" "C1'"  sing N N 49  
DA  "C3'" "O3'"  sing N N 50  
DA  "C3'" "C2'"  sing N N 51  
DA  "C3'" "H3'"  sing N N 52  
DA  "O3'" "HO3'" sing N N 53  
DA  "C2'" "C1'"  sing N N 54  
DA  "C2'" "H2'"  sing N N 55  
DA  "C2'" "H2''" sing N N 56  
DA  "C1'" N9     sing N N 57  
DA  "C1'" "H1'"  sing N N 58  
DA  N9    C8     sing Y N 59  
DA  N9    C4     sing Y N 60  
DA  C8    N7     doub Y N 61  
DA  C8    H8     sing N N 62  
DA  N7    C5     sing Y N 63  
DA  C5    C6     sing Y N 64  
DA  C5    C4     doub Y N 65  
DA  C6    N6     sing N N 66  
DA  C6    N1     doub Y N 67  
DA  N6    H61    sing N N 68  
DA  N6    H62    sing N N 69  
DA  N1    C2     sing Y N 70  
DA  C2    N3     doub Y N 71  
DA  C2    H2     sing N N 72  
DA  N3    C4     sing Y N 73  
DC  OP3   P      sing N N 74  
DC  OP3   HOP3   sing N N 75  
DC  P     OP1    doub N N 76  
DC  P     OP2    sing N N 77  
DC  P     "O5'"  sing N N 78  
DC  OP2   HOP2   sing N N 79  
DC  "O5'" "C5'"  sing N N 80  
DC  "C5'" "C4'"  sing N N 81  
DC  "C5'" "H5'"  sing N N 82  
DC  "C5'" "H5''" sing N N 83  
DC  "C4'" "O4'"  sing N N 84  
DC  "C4'" "C3'"  sing N N 85  
DC  "C4'" "H4'"  sing N N 86  
DC  "O4'" "C1'"  sing N N 87  
DC  "C3'" "O3'"  sing N N 88  
DC  "C3'" "C2'"  sing N N 89  
DC  "C3'" "H3'"  sing N N 90  
DC  "O3'" "HO3'" sing N N 91  
DC  "C2'" "C1'"  sing N N 92  
DC  "C2'" "H2'"  sing N N 93  
DC  "C2'" "H2''" sing N N 94  
DC  "C1'" N1     sing N N 95  
DC  "C1'" "H1'"  sing N N 96  
DC  N1    C2     sing N N 97  
DC  N1    C6     sing N N 98  
DC  C2    O2     doub N N 99  
DC  C2    N3     sing N N 100 
DC  N3    C4     doub N N 101 
DC  C4    N4     sing N N 102 
DC  C4    C5     sing N N 103 
DC  N4    H41    sing N N 104 
DC  N4    H42    sing N N 105 
DC  C5    C6     doub N N 106 
DC  C5    H5     sing N N 107 
DC  C6    H6     sing N N 108 
DG  OP3   P      sing N N 109 
DG  OP3   HOP3   sing N N 110 
DG  P     OP1    doub N N 111 
DG  P     OP2    sing N N 112 
DG  P     "O5'"  sing N N 113 
DG  OP2   HOP2   sing N N 114 
DG  "O5'" "C5'"  sing N N 115 
DG  "C5'" "C4'"  sing N N 116 
DG  "C5'" "H5'"  sing N N 117 
DG  "C5'" "H5''" sing N N 118 
DG  "C4'" "O4'"  sing N N 119 
DG  "C4'" "C3'"  sing N N 120 
DG  "C4'" "H4'"  sing N N 121 
DG  "O4'" "C1'"  sing N N 122 
DG  "C3'" "O3'"  sing N N 123 
DG  "C3'" "C2'"  sing N N 124 
DG  "C3'" "H3'"  sing N N 125 
DG  "O3'" "HO3'" sing N N 126 
DG  "C2'" "C1'"  sing N N 127 
DG  "C2'" "H2'"  sing N N 128 
DG  "C2'" "H2''" sing N N 129 
DG  "C1'" N9     sing N N 130 
DG  "C1'" "H1'"  sing N N 131 
DG  N9    C8     sing Y N 132 
DG  N9    C4     sing Y N 133 
DG  C8    N7     doub Y N 134 
DG  C8    H8     sing N N 135 
DG  N7    C5     sing Y N 136 
DG  C5    C6     sing N N 137 
DG  C5    C4     doub Y N 138 
DG  C6    O6     doub N N 139 
DG  C6    N1     sing N N 140 
DG  N1    C2     sing N N 141 
DG  N1    H1     sing N N 142 
DG  C2    N2     sing N N 143 
DG  C2    N3     doub N N 144 
DG  N2    H21    sing N N 145 
DG  N2    H22    sing N N 146 
DG  N3    C4     sing N N 147 
DT  OP3   P      sing N N 148 
DT  OP3   HOP3   sing N N 149 
DT  P     OP1    doub N N 150 
DT  P     OP2    sing N N 151 
DT  P     "O5'"  sing N N 152 
DT  OP2   HOP2   sing N N 153 
DT  "O5'" "C5'"  sing N N 154 
DT  "C5'" "C4'"  sing N N 155 
DT  "C5'" "H5'"  sing N N 156 
DT  "C5'" "H5''" sing N N 157 
DT  "C4'" "O4'"  sing N N 158 
DT  "C4'" "C3'"  sing N N 159 
DT  "C4'" "H4'"  sing N N 160 
DT  "O4'" "C1'"  sing N N 161 
DT  "C3'" "O3'"  sing N N 162 
DT  "C3'" "C2'"  sing N N 163 
DT  "C3'" "H3'"  sing N N 164 
DT  "O3'" "HO3'" sing N N 165 
DT  "C2'" "C1'"  sing N N 166 
DT  "C2'" "H2'"  sing N N 167 
DT  "C2'" "H2''" sing N N 168 
DT  "C1'" N1     sing N N 169 
DT  "C1'" "H1'"  sing N N 170 
DT  N1    C2     sing N N 171 
DT  N1    C6     sing N N 172 
DT  C2    O2     doub N N 173 
DT  C2    N3     sing N N 174 
DT  N3    C4     sing N N 175 
DT  N3    H3     sing N N 176 
DT  C4    O4     doub N N 177 
DT  C4    C5     sing N N 178 
DT  C5    C7     sing N N 179 
DT  C5    C6     doub N N 180 
DT  C7    H71    sing N N 181 
DT  C7    H72    sing N N 182 
DT  C7    H73    sing N N 183 
DT  C6    H6     sing N N 184 
EDO C1    O1     sing N N 185 
EDO C1    C2     sing N N 186 
EDO C1    H11    sing N N 187 
EDO C1    H12    sing N N 188 
EDO O1    HO1    sing N N 189 
EDO C2    O2     sing N N 190 
EDO C2    H21    sing N N 191 
EDO C2    H22    sing N N 192 
EDO O2    HO2    sing N N 193 
HOH O     H1     sing N N 194 
HOH O     H2     sing N N 195 
S7E C46   N20    sing Y N 196 
S7E C46   C45    doub Y N 197 
S7E C47   N20    sing N N 198 
S7E N22   C45    sing N N 199 
S7E N20   C44    sing Y N 200 
S7E C45   C21    sing Y N 201 
S7E C44   C21    doub Y N 202 
S7E C44   C43    sing N N 203 
S7E O8    C43    doub N N 204 
S7E C43   N19    sing N N 205 
S7E N19   C39    sing N N 206 
S7E C40   C39    doub Y N 207 
S7E C40   N17    sing Y N 208 
S7E C39   C18    sing Y N 209 
S7E N17   C41    sing N N 210 
S7E N17   C42    sing Y N 211 
S7E C18   C42    doub Y N 212 
S7E C42   C38    sing N N 213 
S7E C38   O7     doub N N 214 
S7E C38   N16    sing N N 215 
S7E N16   C34    sing N N 216 
S7E C34   C35    doub Y N 217 
S7E C34   N33    sing Y N 218 
S7E C35   N15    sing Y N 219 
S7E N33   C37    doub Y N 220 
S7E N15   C37    sing Y N 221 
S7E N15   C36    sing N N 222 
S7E C37   C32    sing N N 223 
S7E N14   C32    sing N N 224 
S7E N14   C27    sing N N 225 
S7E C32   O6     doub N N 226 
S7E C27   N28    sing Y N 227 
S7E C27   C29    doub Y N 228 
S7E N28   C31    doub Y N 229 
S7E C29   N13    sing Y N 230 
S7E C31   N13    sing Y N 231 
S7E C31   C26    sing N N 232 
S7E N12   C26    sing N N 233 
S7E N12   C51    sing N N 234 
S7E N13   C30    sing N N 235 
S7E C26   O5     doub N N 236 
S7E C50   C51    sing N N 237 
S7E C50   C49    sing N N 238 
S7E C22   C49    sing N N 239 
S7E C22   O4     doub N N 240 
S7E C49   N23    sing N N 241 
S7E C18   H1     sing N N 242 
S7E C21   H2     sing N N 243 
S7E C22   H3     sing N N 244 
S7E C29   H4     sing N N 245 
S7E C30   H5     sing N N 246 
S7E C30   H6     sing N N 247 
S7E C30   H7     sing N N 248 
S7E C35   H8     sing N N 249 
S7E C36   H9     sing N N 250 
S7E C36   H10    sing N N 251 
S7E C36   H11    sing N N 252 
S7E C40   H12    sing N N 253 
S7E C41   H13    sing N N 254 
S7E C41   H14    sing N N 255 
S7E C41   H15    sing N N 256 
S7E C46   H16    sing N N 257 
S7E C47   H17    sing N N 258 
S7E C47   H18    sing N N 259 
S7E C47   H19    sing N N 260 
S7E C49   H20    sing N N 261 
S7E C50   H21    sing N N 262 
S7E C50   H22    sing N N 263 
S7E C51   H23    sing N N 264 
S7E C51   H24    sing N N 265 
S7E N12   H25    sing N N 266 
S7E N14   H26    sing N N 267 
S7E N16   H27    sing N N 268 
S7E N19   H28    sing N N 269 
S7E N22   H29    sing N N 270 
S7E N22   H30    sing N N 271 
S7E N23   H31    sing N N 272 
S7E N23   H32    sing N N 273 
# 
loop_
_ndb_struct_conf_na.entry_id 
_ndb_struct_conf_na.feature 
6M5B 'b-form double helix'  
6M5B 'mismatched base pair' 
# 
loop_
_ndb_struct_na_base_pair.model_number 
_ndb_struct_na_base_pair.i_label_asym_id 
_ndb_struct_na_base_pair.i_label_comp_id 
_ndb_struct_na_base_pair.i_label_seq_id 
_ndb_struct_na_base_pair.i_symmetry 
_ndb_struct_na_base_pair.j_label_asym_id 
_ndb_struct_na_base_pair.j_label_comp_id 
_ndb_struct_na_base_pair.j_label_seq_id 
_ndb_struct_na_base_pair.j_symmetry 
_ndb_struct_na_base_pair.shear 
_ndb_struct_na_base_pair.stretch 
_ndb_struct_na_base_pair.stagger 
_ndb_struct_na_base_pair.buckle 
_ndb_struct_na_base_pair.propeller 
_ndb_struct_na_base_pair.opening 
_ndb_struct_na_base_pair.pair_number 
_ndb_struct_na_base_pair.pair_name 
_ndb_struct_na_base_pair.i_auth_asym_id 
_ndb_struct_na_base_pair.i_auth_seq_id 
_ndb_struct_na_base_pair.i_PDB_ins_code 
_ndb_struct_na_base_pair.j_auth_asym_id 
_ndb_struct_na_base_pair.j_auth_seq_id 
_ndb_struct_na_base_pair.j_PDB_ins_code 
_ndb_struct_na_base_pair.hbond_type_28 
_ndb_struct_na_base_pair.hbond_type_12 
1 A DC  1  1_555 A DG  10 28_555 0.084  -0.164 0.271  -10.034 -12.194 0.237  1  A_DC1:DG10_A A 1  ? A 10 ? 19 1 
1 A CBR 2  1_555 A DG  9  28_555 0.073  -0.130 -0.040 -9.941  -11.971 2.519  2  A_CBR2:DG9_A A 2  ? A 9  ? 19 1 
1 A DA  3  1_555 A DT  8  28_555 0.162  -0.165 -0.022 4.685   -11.501 2.066  3  A_DA3:DT8_A  A 3  ? A 8  ? 20 1 
1 A DG  4  1_555 A DC  7  28_555 -0.046 -0.148 0.127  1.978   -6.039  -3.638 4  A_DG4:DC7_A  A 4  ? A 7  ? 19 1 
1 A DG  5  1_555 A DC  6  28_555 -0.071 -0.126 0.068  1.141   -10.586 -4.745 5  A_DG5:DC6_A  A 5  ? A 6  ? 19 1 
1 A DC  6  1_555 A DG  5  28_555 0.071  -0.126 0.068  -1.141  -10.586 -4.745 6  A_DC6:DG5_A  A 6  ? A 5  ? 19 1 
1 A DC  7  1_555 A DG  4  28_555 0.046  -0.148 0.127  -1.978  -6.039  -3.638 7  A_DC7:DG4_A  A 7  ? A 4  ? 19 1 
1 A DT  8  1_555 A DA  3  28_555 -0.162 -0.165 -0.022 -4.685  -11.501 2.066  8  A_DT8:DA3_A  A 8  ? A 3  ? 20 1 
1 A DG  9  1_555 A CBR 2  28_555 -0.073 -0.130 -0.040 9.941   -11.971 2.519  9  A_DG9:CBR2_A A 9  ? A 2  ? 19 1 
1 A DG  10 1_555 A DC  1  28_555 -0.084 -0.164 0.271  10.034  -12.194 0.237  10 A_DG10:DC1_A A 10 ? A 1  ? 19 1 
# 
loop_
_ndb_struct_na_base_pair_step.model_number 
_ndb_struct_na_base_pair_step.i_label_asym_id_1 
_ndb_struct_na_base_pair_step.i_label_comp_id_1 
_ndb_struct_na_base_pair_step.i_label_seq_id_1 
_ndb_struct_na_base_pair_step.i_symmetry_1 
_ndb_struct_na_base_pair_step.j_label_asym_id_1 
_ndb_struct_na_base_pair_step.j_label_comp_id_1 
_ndb_struct_na_base_pair_step.j_label_seq_id_1 
_ndb_struct_na_base_pair_step.j_symmetry_1 
_ndb_struct_na_base_pair_step.i_label_asym_id_2 
_ndb_struct_na_base_pair_step.i_label_comp_id_2 
_ndb_struct_na_base_pair_step.i_label_seq_id_2 
_ndb_struct_na_base_pair_step.i_symmetry_2 
_ndb_struct_na_base_pair_step.j_label_asym_id_2 
_ndb_struct_na_base_pair_step.j_label_comp_id_2 
_ndb_struct_na_base_pair_step.j_label_seq_id_2 
_ndb_struct_na_base_pair_step.j_symmetry_2 
_ndb_struct_na_base_pair_step.shift 
_ndb_struct_na_base_pair_step.slide 
_ndb_struct_na_base_pair_step.rise 
_ndb_struct_na_base_pair_step.tilt 
_ndb_struct_na_base_pair_step.roll 
_ndb_struct_na_base_pair_step.twist 
_ndb_struct_na_base_pair_step.x_displacement 
_ndb_struct_na_base_pair_step.y_displacement 
_ndb_struct_na_base_pair_step.helical_rise 
_ndb_struct_na_base_pair_step.inclination 
_ndb_struct_na_base_pair_step.tip 
_ndb_struct_na_base_pair_step.helical_twist 
_ndb_struct_na_base_pair_step.step_number 
_ndb_struct_na_base_pair_step.step_name 
_ndb_struct_na_base_pair_step.i_auth_asym_id_1 
_ndb_struct_na_base_pair_step.i_auth_seq_id_1 
_ndb_struct_na_base_pair_step.i_PDB_ins_code_1 
_ndb_struct_na_base_pair_step.j_auth_asym_id_1 
_ndb_struct_na_base_pair_step.j_auth_seq_id_1 
_ndb_struct_na_base_pair_step.j_PDB_ins_code_1 
_ndb_struct_na_base_pair_step.i_auth_asym_id_2 
_ndb_struct_na_base_pair_step.i_auth_seq_id_2 
_ndb_struct_na_base_pair_step.i_PDB_ins_code_2 
_ndb_struct_na_base_pair_step.j_auth_asym_id_2 
_ndb_struct_na_base_pair_step.j_auth_seq_id_2 
_ndb_struct_na_base_pair_step.j_PDB_ins_code_2 
1 A DC  1 1_555 A DG  10 28_555 A CBR 2  1_555 A DG  9 28_555 -0.198 -0.193 3.262 3.746  3.379  33.582 -0.868 0.934  3.188 5.808  
-6.438 33.948 1 AA_DC1CBR2:DG9DG10_AA A 1 ? A 10 ? A 2  ? A 9 ? 
1 A CBR 2 1_555 A DG  9  28_555 A DA  3  1_555 A DT  8 28_555 0.477  1.148  3.026 -0.958 8.974  34.273 0.610  -0.921 3.202 14.910 
1.592  35.407 2 AA_CBR2DA3:DT8DG9_AA  A 2 ? A 9  ? A 3  ? A 8 ? 
1 A DA  3 1_555 A DT  8  28_555 A DG  4  1_555 A DC  7 28_555 -1.331 0.268  3.267 -5.647 10.961 32.362 -1.324 1.326  3.358 18.834 
9.703  34.573 3 AA_DA3DG4:DC7DT8_AA   A 3 ? A 8  ? A 4  ? A 7 ? 
1 A DG  4 1_555 A DC  7  28_555 A DG  5  1_555 A DC  6 28_555 -0.950 0.242  3.248 -3.612 6.066  34.926 -0.498 1.021  3.321 9.982  
5.944  35.610 4 AA_DG4DG5:DC6DC7_AA   A 4 ? A 7  ? A 5  ? A 6 ? 
1 A DG  5 1_555 A DC  6  28_555 A DC  6  1_555 A DG  5 28_555 0.000  0.093  3.258 0.000  -0.649 38.056 0.225  0.000  3.256 -0.995 
0.000  38.061 5 AA_DG5DC6:DG5DC6_AA   A 5 ? A 6  ? A 6  ? A 5 ? 
1 A DC  6 1_555 A DG  5  28_555 A DC  7  1_555 A DG  4 28_555 0.950  0.242  3.248 3.612  6.066  34.926 -0.498 -1.021 3.321 9.982  
-5.944 35.610 6 AA_DC6DC7:DG4DG5_AA   A 6 ? A 5  ? A 7  ? A 4 ? 
1 A DC  7 1_555 A DG  4  28_555 A DT  8  1_555 A DA  3 28_555 1.331  0.268  3.267 5.647  10.961 32.362 -1.324 -1.326 3.358 18.834 
-9.703 34.573 7 AA_DC7DT8:DA3DG4_AA   A 7 ? A 4  ? A 8  ? A 3 ? 
1 A DT  8 1_555 A DA  3  28_555 A DG  9  1_555 A CBR 2 28_555 -0.477 1.148  3.026 0.958  8.974  34.273 0.610  0.921  3.202 14.910 
-1.592 35.407 8 AA_DT8DG9:CBR2DA3_AA  A 8 ? A 3  ? A 9  ? A 2 ? 
1 A DG  9 1_555 A CBR 2  28_555 A DG  10 1_555 A DC  1 28_555 0.198  -0.193 3.262 -3.746 3.379  33.582 -0.868 -0.934 3.188 5.808  
6.438  33.948 9 AA_DG9DG10:DC1CBR2_AA A 9 ? A 2  ? A 10 ? A 1 ? 
# 
loop_
_pdbx_audit_support.funding_organization 
_pdbx_audit_support.country 
_pdbx_audit_support.grant_number 
_pdbx_audit_support.ordinal 
'Ministry of Education, Culture, Sports, Science and Technology (Japan)' Japan 18KK0139 1 
'Ministry of Education, Culture, Sports, Science and Technology (Japan)' Japan 16H06356 2 
# 
_pdbx_entity_instance_feature.ordinal        1 
_pdbx_entity_instance_feature.comp_id        S7E 
_pdbx_entity_instance_feature.asym_id        ? 
_pdbx_entity_instance_feature.seq_num        ? 
_pdbx_entity_instance_feature.auth_comp_id   S7E 
_pdbx_entity_instance_feature.auth_asym_id   ? 
_pdbx_entity_instance_feature.auth_seq_num   ? 
_pdbx_entity_instance_feature.feature_type   'SUBJECT OF INVESTIGATION' 
_pdbx_entity_instance_feature.details        ? 
# 
_space_group.name_H-M_alt     'I 41 3 2' 
_space_group.name_Hall        'I 4bd 2c 3' 
_space_group.IT_number        214 
_space_group.crystal_system   cubic 
_space_group.id               1 
# 
_atom_sites.entry_id                    6M5B 
_atom_sites.Cartn_transf_matrix[1][1]   ? 
_atom_sites.Cartn_transf_matrix[1][2]   ? 
_atom_sites.Cartn_transf_matrix[1][3]   ? 
_atom_sites.Cartn_transf_matrix[2][1]   ? 
_atom_sites.Cartn_transf_matrix[2][2]   ? 
_atom_sites.Cartn_transf_matrix[2][3]   ? 
_atom_sites.Cartn_transf_matrix[3][1]   ? 
_atom_sites.Cartn_transf_matrix[3][2]   ? 
_atom_sites.Cartn_transf_matrix[3][3]   ? 
_atom_sites.Cartn_transf_vector[1]      ? 
_atom_sites.Cartn_transf_vector[2]      ? 
_atom_sites.Cartn_transf_vector[3]      ? 
_atom_sites.fract_transf_matrix[1][1]   0.00960553 
_atom_sites.fract_transf_matrix[1][2]   -0.00713603 
_atom_sites.fract_transf_matrix[1][3]   -0.00216254 
_atom_sites.fract_transf_matrix[2][1]   0.00744848 
_atom_sites.fract_transf_matrix[2][2]   0.00901918 
_atom_sites.fract_transf_matrix[2][3]   0.00332267 
_atom_sites.fract_transf_matrix[3][1]   -0.00034591 
_atom_sites.fract_transf_matrix[3][2]   -0.00394932 
_atom_sites.fract_transf_matrix[3][3]   0.01149560 
_atom_sites.fract_transf_vector[1]      -0.022221 
_atom_sites.fract_transf_vector[2]      0.017974 
_atom_sites.fract_transf_vector[3]      0.245619 
_atom_sites.solution_primary            ? 
_atom_sites.solution_secondary          ? 
_atom_sites.solution_hydrogens          ? 
_atom_sites.special_details             ? 
# 
loop_
_atom_type.symbol 
_atom_type.scat_dispersion_real 
_atom_type.scat_dispersion_imag 
_atom_type.scat_Cromer_Mann_a1 
_atom_type.scat_Cromer_Mann_a2 
_atom_type.scat_Cromer_Mann_a3 
_atom_type.scat_Cromer_Mann_a4 
_atom_type.scat_Cromer_Mann_b1 
_atom_type.scat_Cromer_Mann_b2 
_atom_type.scat_Cromer_Mann_b3 
_atom_type.scat_Cromer_Mann_b4 
_atom_type.scat_Cromer_Mann_c 
_atom_type.scat_source 
_atom_type.scat_dispersion_source 
BR ? ? 25.79822 9.11301 ? ? 1.35700  25.34896 ? ? 0.0 
;2-Gaussian fit: Grosse-Kunstleve RW, Sauter NK, Adams PD: Newsletter of the IUCr Commission on Crystallographic Computing 2004, 3, 22-31.
;
? 
C  ? ? 3.54356  2.42580 ? ? 25.62398 1.50364  ? ? 0.0 
;2-Gaussian fit: Grosse-Kunstleve RW, Sauter NK, Adams PD: Newsletter of the IUCr Commission on Crystallographic Computing 2004, 3, 22-31.
;
? 
MG ? ? 9.41153  2.53737 ? ? 2.59044  63.03566 ? ? 0.0 
;2-Gaussian fit: Grosse-Kunstleve RW, Sauter NK, Adams PD: Newsletter of the IUCr Commission on Crystallographic Computing 2004, 3, 22-31.
;
? 
N  ? ? 4.01032  2.96436 ? ? 19.97189 1.75589  ? ? 0.0 
;2-Gaussian fit: Grosse-Kunstleve RW, Sauter NK, Adams PD: Newsletter of the IUCr Commission on Crystallographic Computing 2004, 3, 22-31.
;
? 
NA ? ? 9.38062  1.54875 ? ? 3.38349  72.32734 ? ? 0.0 
;2-Gaussian fit: Grosse-Kunstleve RW, Sauter NK, Adams PD: Newsletter of the IUCr Commission on Crystallographic Computing 2004, 3, 22-31.
;
? 
O  ? ? 4.49882  3.47563 ? ? 15.80542 1.70748  ? ? 0.0 
;2-Gaussian fit: Grosse-Kunstleve RW, Sauter NK, Adams PD: Newsletter of the IUCr Commission on Crystallographic Computing 2004, 3, 22-31.
;
? 
P  ? ? 9.51135  5.44231 ? ? 1.42069  35.72801 ? ? 0.0 
;2-Gaussian fit: Grosse-Kunstleve RW, Sauter NK, Adams PD: Newsletter of the IUCr Commission on Crystallographic Computing 2004, 3, 22-31.
;
? 
# 
loop_
_atom_site.group_PDB 
_atom_site.id 
_atom_site.type_symbol 
_atom_site.label_atom_id 
_atom_site.label_alt_id 
_atom_site.label_comp_id 
_atom_site.label_asym_id 
_atom_site.label_entity_id 
_atom_site.label_seq_id 
_atom_site.pdbx_PDB_ins_code 
_atom_site.Cartn_x 
_atom_site.Cartn_y 
_atom_site.Cartn_z 
_atom_site.occupancy 
_atom_site.B_iso_or_equiv 
_atom_site.pdbx_formal_charge 
_atom_site.auth_seq_id 
_atom_site.auth_comp_id 
_atom_site.auth_asym_id 
_atom_site.auth_atom_id 
_atom_site.pdbx_PDB_model_num 
ATOM   1   O  "O5'" . DC  A 1 1  ? -15.009 -10.605 0.667   1.00 22.02 ? 1   DC  A "O5'" 1 
ATOM   2   C  "C5'" . DC  A 1 1  ? -16.266 -10.663 1.323   1.00 21.91 ? 1   DC  A "C5'" 1 
ATOM   3   C  "C4'" . DC  A 1 1  ? -16.285 -9.772  2.556   1.00 20.59 ? 1   DC  A "C4'" 1 
ATOM   4   O  "O4'" . DC  A 1 1  ? -15.423 -10.315 3.583   1.00 19.30 ? 1   DC  A "O4'" 1 
ATOM   5   C  "C3'" . DC  A 1 1  ? -15.832 -8.334  2.331   1.00 21.42 ? 1   DC  A "C3'" 1 
ATOM   6   O  "O3'" . DC  A 1 1  ? -16.608 -7.469  3.132   1.00 22.95 ? 1   DC  A "O3'" 1 
ATOM   7   C  "C2'" . DC  A 1 1  ? -14.380 -8.349  2.780   1.00 22.96 ? 1   DC  A "C2'" 1 
ATOM   8   C  "C1'" . DC  A 1 1  ? -14.398 -9.384  3.903   1.00 21.23 ? 1   DC  A "C1'" 1 
ATOM   9   N  N1    . DC  A 1 1  ? -13.122 -10.143 4.019   1.00 17.11 ? 1   DC  A N1    1 
ATOM   10  C  C2    . DC  A 1 1  ? -12.322 -9.996  5.157   1.00 17.26 ? 1   DC  A C2    1 
ATOM   11  O  O2    . DC  A 1 1  ? -12.683 -9.224  6.057   1.00 19.24 ? 1   DC  A O2    1 
ATOM   12  N  N3    . DC  A 1 1  ? -11.168 -10.703 5.243   1.00 16.75 ? 1   DC  A N3    1 
ATOM   13  C  C4    . DC  A 1 1  ? -10.813 -11.521 4.244   1.00 17.29 ? 1   DC  A C4    1 
ATOM   14  N  N4    . DC  A 1 1  ? -9.676  -12.209 4.379   1.00 15.38 ? 1   DC  A N4    1 
ATOM   15  C  C5    . DC  A 1 1  ? -11.616 -11.682 3.071   1.00 16.91 ? 1   DC  A C5    1 
ATOM   16  C  C6    . DC  A 1 1  ? -12.747 -10.976 2.997   1.00 16.56 ? 1   DC  A C6    1 
HETATM 17  BR BR    . CBR A 1 2  ? -11.005 -8.087  1.300   1.00 21.62 ? 2   CBR A BR    1 
HETATM 18  P  P     . CBR A 1 2  ? -16.581 -5.881  2.880   1.00 27.79 ? 2   CBR A P     1 
HETATM 19  O  OP1   . CBR A 1 2  ? -17.909 -5.314  3.376   1.00 28.26 ? 2   CBR A OP1   1 
HETATM 20  O  OP2   . CBR A 1 2  ? -16.253 -5.606  1.439   1.00 24.84 ? 2   CBR A OP2   1 
HETATM 21  O  "O5'" . CBR A 1 2  ? -15.316 -5.326  3.847   1.00 24.24 ? 2   CBR A "O5'" 1 
HETATM 22  N  N1    . CBR A 1 2  ? -11.191 -6.049  5.024   1.00 20.78 ? 2   CBR A N1    1 
HETATM 23  C  C6    . CBR A 1 2  ? -11.504 -6.500  3.686   1.00 20.54 ? 2   CBR A C6    1 
HETATM 24  C  C2    . CBR A 1 2  ? -10.055 -6.620  5.778   1.00 20.67 ? 2   CBR A C2    1 
HETATM 25  O  O2    . CBR A 1 2  ? -9.804  -6.246  6.876   1.00 23.53 ? 2   CBR A O2    1 
HETATM 26  N  N3    . CBR A 1 2  ? -9.197  -7.651  5.143   1.00 19.97 ? 2   CBR A N3    1 
HETATM 27  C  C4    . CBR A 1 2  ? -9.486  -8.089  3.818   1.00 18.03 ? 2   CBR A C4    1 
HETATM 28  N  N4    . CBR A 1 2  ? -8.644  -9.100  3.218   1.00 18.55 ? 2   CBR A N4    1 
HETATM 29  C  C5    . CBR A 1 2  ? -10.632 -7.518  3.092   1.00 19.41 ? 2   CBR A C5    1 
HETATM 30  C  "C2'" . CBR A 1 2  ? -12.519 -3.860  4.762   1.00 26.60 ? 2   CBR A "C2'" 1 
HETATM 31  C  "C5'" . CBR A 1 2  ? -15.488 -5.372  5.261   1.00 27.08 ? 2   CBR A "C5'" 1 
HETATM 32  C  "C4'" . CBR A 1 2  ? -14.321 -4.873  5.861   1.00 26.78 ? 2   CBR A "C4'" 1 
HETATM 33  O  "O4'" . CBR A 1 2  ? -13.137 -5.883  5.736   1.00 24.64 ? 2   CBR A "O4'" 1 
HETATM 34  C  "C1'" . CBR A 1 2  ? -12.051 -5.125  5.655   1.00 24.47 ? 2   CBR A "C1'" 1 
HETATM 35  C  "C3'" . CBR A 1 2  ? -13.777 -3.600  5.180   1.00 31.01 ? 2   CBR A "C3'" 1 
HETATM 36  O  "O3'" . CBR A 1 2  ? -13.762 -2.604  6.268   1.00 33.95 ? 2   CBR A "O3'" 1 
ATOM   37  P  P     . DA  A 1 3  ? -13.521 -1.052  5.945   1.00 39.72 ? 3   DA  A P     1 
ATOM   38  O  OP1   . DA  A 1 3  ? -14.372 -0.290  6.887   1.00 43.15 ? 3   DA  A OP1   1 
ATOM   39  O  OP2   . DA  A 1 3  ? -13.595 -0.821  4.488   1.00 35.87 ? 3   DA  A OP2   1 
ATOM   40  O  "O5'" . DA  A 1 3  ? -11.992 -0.828  6.326   1.00 31.82 ? 3   DA  A "O5'" 1 
ATOM   41  C  "C5'" . DA  A 1 3  ? -11.542 -1.139  7.615   1.00 29.89 ? 3   DA  A "C5'" 1 
ATOM   42  C  "C4'" . DA  A 1 3  ? -10.036 -1.062  7.669   1.00 33.31 ? 3   DA  A "C4'" 1 
ATOM   43  O  "O4'" . DA  A 1 3  ? -9.469  -2.200  6.975   1.00 30.67 ? 3   DA  A "O4'" 1 
ATOM   44  C  "C3'" . DA  A 1 3  ? -9.426  0.173   7.004   1.00 34.81 ? 3   DA  A "C3'" 1 
ATOM   45  O  "O3'" . DA  A 1 3  ? -8.298  0.555   7.744   1.00 38.28 ? 3   DA  A "O3'" 1 
ATOM   46  C  "C2'" . DA  A 1 3  ? -9.023  -0.353  5.627   1.00 31.59 ? 3   DA  A "C2'" 1 
ATOM   47  C  "C1'" . DA  A 1 3  ? -8.546  -1.739  6.012   1.00 29.06 ? 3   DA  A "C1'" 1 
ATOM   48  N  N9    . DA  A 1 3  ? -8.519  -2.693  4.916   1.00 26.34 ? 3   DA  A N9    1 
ATOM   49  C  C8    . DA  A 1 3  ? -9.293  -2.690  3.791   1.00 28.07 ? 3   DA  A C8    1 
ATOM   50  N  N7    . DA  A 1 3  ? -9.047  -3.693  2.978   1.00 25.03 ? 3   DA  A N7    1 
ATOM   51  C  C5    . DA  A 1 3  ? -8.048  -4.404  3.630   1.00 23.55 ? 3   DA  A C5    1 
ATOM   52  C  C6    . DA  A 1 3  ? -7.347  -5.576  3.293   1.00 19.68 ? 3   DA  A C6    1 
ATOM   53  N  N6    . DA  A 1 3  ? -7.577  -6.268  2.167   1.00 21.70 ? 3   DA  A N6    1 
ATOM   54  N  N1    . DA  A 1 3  ? -6.410  -6.019  4.162   1.00 19.24 ? 3   DA  A N1    1 
ATOM   55  C  C2    . DA  A 1 3  ? -6.194  -5.332  5.292   1.00 21.29 ? 3   DA  A C2    1 
ATOM   56  N  N3    . DA  A 1 3  ? -6.791  -4.213  5.714   1.00 22.37 ? 3   DA  A N3    1 
ATOM   57  C  C4    . DA  A 1 3  ? -7.713  -3.800  4.824   1.00 24.08 ? 3   DA  A C4    1 
ATOM   58  P  P     . DG  A 1 4  ? -7.832  2.087   7.823   1.00 34.00 ? 4   DG  A P     1 
ATOM   59  O  OP1   . DG  A 1 4  ? -8.403  2.654   9.060   1.00 38.88 ? 4   DG  A OP1   1 
ATOM   60  O  OP2   . DG  A 1 4  ? -8.033  2.732   6.511   1.00 35.34 ? 4   DG  A OP2   1 
ATOM   61  O  "O5'" . DG  A 1 4  ? -6.265  1.947   8.057   1.00 27.51 ? 4   DG  A "O5'" 1 
ATOM   62  C  "C5'" . DG  A 1 4  ? -5.782  1.129   9.095   1.00 25.78 ? 4   DG  A "C5'" 1 
ATOM   63  C  "C4'" . DG  A 1 4  ? -4.339  0.764   8.828   1.00 26.69 ? 4   DG  A "C4'" 1 
ATOM   64  O  "O4'" . DG  A 1 4  ? -4.279  -0.348  7.894   1.00 24.81 ? 4   DG  A "O4'" 1 
ATOM   65  C  "C3'" . DG  A 1 4  ? -3.512  1.874   8.198   1.00 28.29 ? 4   DG  A "C3'" 1 
ATOM   66  O  "O3'" . DG  A 1 4  ? -2.208  1.785   8.688   1.00 32.78 ? 4   DG  A "O3'" 1 
ATOM   67  C  "C2'" . DG  A 1 4  ? -3.574  1.549   6.703   1.00 25.93 ? 4   DG  A "C2'" 1 
ATOM   68  C  "C1'" . DG  A 1 4  ? -3.565  0.028   6.730   1.00 24.54 ? 4   DG  A "C1'" 1 
ATOM   69  N  N9    . DG  A 1 4  ? -4.223  -0.598  5.593   1.00 23.97 ? 4   DG  A N9    1 
ATOM   70  C  C8    . DG  A 1 4  ? -5.413  -0.236  5.016   1.00 22.15 ? 4   DG  A C8    1 
ATOM   71  N  N7    . DG  A 1 4  ? -5.771  -1.004  4.026   1.00 24.02 ? 4   DG  A N7    1 
ATOM   72  C  C5    . DG  A 1 4  ? -4.754  -1.947  3.947   1.00 20.74 ? 4   DG  A C5    1 
ATOM   73  C  C6    . DG  A 1 4  ? -4.603  -3.039  3.068   1.00 17.99 ? 4   DG  A C6    1 
ATOM   74  O  O6    . DG  A 1 4  ? -5.367  -3.398  2.160   1.00 20.21 ? 4   DG  A O6    1 
ATOM   75  N  N1    . DG  A 1 4  ? -3.427  -3.748  3.327   1.00 17.22 ? 4   DG  A N1    1 
ATOM   76  C  C2    . DG  A 1 4  ? -2.519  -3.438  4.314   1.00 16.92 ? 4   DG  A C2    1 
ATOM   77  N  N2    . DG  A 1 4  ? -1.436  -4.226  4.404   1.00 17.69 ? 4   DG  A N2    1 
ATOM   78  N  N3    . DG  A 1 4  ? -2.658  -2.407  5.154   1.00 18.83 ? 4   DG  A N3    1 
ATOM   79  C  C4    . DG  A 1 4  ? -3.798  -1.717  4.910   1.00 20.11 ? 4   DG  A C4    1 
ATOM   80  P  P     . DG  A 1 5  ? -1.181  3.008   8.524   1.00 29.53 ? 5   DG  A P     1 
ATOM   81  O  OP1   . DG  A 1 5  ? -0.857  3.415   9.903   1.00 30.88 ? 5   DG  A OP1   1 
ATOM   82  O  OP2   . DG  A 1 5  ? -1.614  3.940   7.463   1.00 27.14 ? 5   DG  A OP2   1 
ATOM   83  O  "O5'" . DG  A 1 5  ? 0.113   2.293   7.928   1.00 23.31 ? 5   DG  A "O5'" 1 
ATOM   84  C  "C5'" . DG  A 1 5  ? 0.714   1.256   8.628   1.00 19.20 ? 5   DG  A "C5'" 1 
ATOM   85  C  "C4'" . DG  A 1 5  ? 1.712   0.552   7.732   1.00 19.23 ? 5   DG  A "C4'" 1 
ATOM   86  O  "O4'" . DG  A 1 5  ? 1.007   -0.180  6.695   1.00 17.96 ? 5   DG  A "O4'" 1 
ATOM   87  C  "C3'" . DG  A 1 5  ? 2.697   1.472   7.020   1.00 18.67 ? 5   DG  A "C3'" 1 
ATOM   88  O  "O3'" . DG  A 1 5  ? 3.974   0.882   7.105   1.00 18.75 ? 5   DG  A "O3'" 1 
ATOM   89  C  "C2'" . DG  A 1 5  ? 2.161   1.539   5.576   1.00 18.86 ? 5   DG  A "C2'" 1 
ATOM   90  C  "C1'" . DG  A 1 5  ? 1.486   0.176   5.409   1.00 18.18 ? 5   DG  A "C1'" 1 
ATOM   91  N  N9    . DG  A 1 5  ? 0.319   0.168   4.530   1.00 16.46 ? 5   DG  A N9    1 
ATOM   92  C  C8    . DG  A 1 5  ? -0.783  0.985   4.627   1.00 17.76 ? 5   DG  A C8    1 
ATOM   93  N  N7    . DG  A 1 5  ? -1.710  0.722   3.743   1.00 18.61 ? 5   DG  A N7    1 
ATOM   94  C  C5    . DG  A 1 5  ? -1.209  -0.363  3.033   1.00 16.50 ? 5   DG  A C5    1 
ATOM   95  C  C6    . DG  A 1 5  ? -1.780  -1.085  1.962   1.00 17.12 ? 5   DG  A C6    1 
ATOM   96  O  O6    . DG  A 1 5  ? -2.885  -0.903  1.423   1.00 17.20 ? 5   DG  A O6    1 
ATOM   97  N  N1    . DG  A 1 5  ? -0.937  -2.115  1.520   1.00 15.47 ? 5   DG  A N1    1 
ATOM   98  C  C2    . DG  A 1 5  ? 0.304   -2.398  2.058   1.00 14.59 ? 5   DG  A C2    1 
ATOM   99  N  N2    . DG  A 1 5  ? 0.985   -3.427  1.510   1.00 14.60 ? 5   DG  A N2    1 
ATOM   100 N  N3    . DG  A 1 5  ? 0.843   -1.724  3.071   1.00 14.97 ? 5   DG  A N3    1 
ATOM   101 C  C4    . DG  A 1 5  ? 0.033   -0.730  3.511   1.00 15.85 ? 5   DG  A C4    1 
ATOM   102 P  P     . DC  A 1 6  ? 5.293   1.628   6.577   1.00 20.75 ? 6   DC  A P     1 
ATOM   103 O  OP1   . DC  A 1 6  ? 6.363   1.239   7.518   1.00 22.63 ? 6   DC  A OP1   1 
ATOM   104 O  OP2   . DC  A 1 6  ? 4.992   3.043   6.299   1.00 22.36 ? 6   DC  A OP2   1 
ATOM   105 O  "O5'" . DC  A 1 6  ? 5.590   0.932   5.178   1.00 17.77 ? 6   DC  A "O5'" 1 
ATOM   106 C  "C5'" . DC  A 1 6  ? 5.898   -0.435  5.132   1.00 17.14 ? 6   DC  A "C5'" 1 
ATOM   107 C  "C4'" . DC  A 1 6  ? 5.873   -0.915  3.703   1.00 15.92 ? 6   DC  A "C4'" 1 
ATOM   108 O  "O4'" . DC  A 1 6  ? 4.555   -0.740  3.155   1.00 16.06 ? 6   DC  A "O4'" 1 
ATOM   109 C  "C3'" . DC  A 1 6  ? 6.839   -0.190  2.764   1.00 15.45 ? 6   DC  A "C3'" 1 
ATOM   110 O  "O3'" . DC  A 1 6  ? 7.734   -1.166  2.239   1.00 14.93 ? 6   DC  A "O3'" 1 
ATOM   111 C  "C2'" . DC  A 1 6  ? 5.928   0.448   1.683   1.00 15.85 ? 6   DC  A "C2'" 1 
ATOM   112 C  "C1'" . DC  A 1 6  ? 4.653   -0.394  1.791   1.00 15.19 ? 6   DC  A "C1'" 1 
ATOM   113 N  N1    . DC  A 1 6  ? 3.385   0.303   1.483   1.00 15.30 ? 6   DC  A N1    1 
ATOM   114 C  C2    . DC  A 1 6  ? 2.504   -0.223  0.517   1.00 15.74 ? 6   DC  A C2    1 
ATOM   115 O  O2    . DC  A 1 6  ? 2.841   -1.211  -0.147  1.00 15.49 ? 6   DC  A O2    1 
ATOM   116 N  N3    . DC  A 1 6  ? 1.312   0.387   0.325   1.00 14.49 ? 6   DC  A N3    1 
ATOM   117 C  C4    . DC  A 1 6  ? 0.979   1.463   1.049   1.00 17.30 ? 6   DC  A C4    1 
ATOM   118 N  N4    . DC  A 1 6  ? -0.208  2.035   0.817   1.00 17.90 ? 6   DC  A N4    1 
ATOM   119 C  C5    . DC  A 1 6  ? 1.843   1.987   2.057   1.00 16.92 ? 6   DC  A C5    1 
ATOM   120 C  C6    . DC  A 1 6  ? 3.018   1.377   2.243   1.00 15.68 ? 6   DC  A C6    1 
ATOM   121 P  P     . DC  A 1 7  ? 9.014   -0.780  1.359   1.00 16.20 ? 7   DC  A P     1 
ATOM   122 O  OP1   . DC  A 1 7  ? 9.865   -1.984  1.331   1.00 15.84 ? 7   DC  A OP1   1 
ATOM   123 O  OP2   . DC  A 1 7  ? 9.559   0.517   1.838   1.00 16.60 ? 7   DC  A OP2   1 
ATOM   124 O  "O5'" . DC  A 1 7  ? 8.439   -0.487  -0.085  1.00 15.52 ? 7   DC  A "O5'" 1 
ATOM   125 C  "C5'" . DC  A 1 7  ? 7.911   -1.559  -0.851  1.00 14.89 ? 7   DC  A "C5'" 1 
ATOM   126 C  "C4'" . DC  A 1 7  ? 7.223   -1.004  -2.061  1.00 15.78 ? 7   DC  A "C4'" 1 
ATOM   127 O  "O4'" . DC  A 1 7  ? 6.054   -0.280  -1.670  1.00 15.44 ? 7   DC  A "O4'" 1 
ATOM   128 C  "C3'" . DC  A 1 7  ? 8.058   -0.020  -2.875  1.00 16.50 ? 7   DC  A "C3'" 1 
ATOM   129 O  "O3'" . DC  A 1 7  ? 8.428   -0.676  -4.059  1.00 17.51 ? 7   DC  A "O3'" 1 
ATOM   130 C  "C2'" . DC  A 1 7  ? 7.103   1.178   -3.125  1.00 16.27 ? 7   DC  A "C2'" 1 
ATOM   131 C  "C1'" . DC  A 1 7  ? 5.747   0.603   -2.710  1.00 15.51 ? 7   DC  A "C1'" 1 
ATOM   132 N  N1    . DC  A 1 7  ? 4.786   1.581   -2.169  1.00 15.27 ? 7   DC  A N1    1 
ATOM   133 C  C2    . DC  A 1 7  ? 3.469   1.618   -2.661  1.00 15.34 ? 7   DC  A C2    1 
ATOM   134 O  O2    . DC  A 1 7  ? 3.141   0.864   -3.588  1.00 15.73 ? 7   DC  A O2    1 
ATOM   135 N  N3    . DC  A 1 7  ? 2.596   2.493   -2.117  1.00 15.05 ? 7   DC  A N3    1 
ATOM   136 C  C4    . DC  A 1 7  ? 2.973   3.284   -1.114  1.00 15.39 ? 7   DC  A C4    1 
ATOM   137 N  N4    . DC  A 1 7  ? 2.067   4.128   -0.610  1.00 18.33 ? 7   DC  A N4    1 
ATOM   138 C  C5    . DC  A 1 7  ? 4.298   3.239   -0.572  1.00 16.02 ? 7   DC  A C5    1 
ATOM   139 C  C6    . DC  A 1 7  ? 5.157   2.375   -1.121  1.00 15.79 ? 7   DC  A C6    1 
ATOM   140 P  P     . DT  A 1 8  ? 9.368   0.020   -5.153  1.00 18.45 ? 8   DT  A P     1 
ATOM   141 O  OP1   . DT  A 1 8  ? 9.988   -1.081  -5.922  1.00 20.18 ? 8   DT  A OP1   1 
ATOM   142 O  OP2   . DT  A 1 8  ? 10.215  1.027   -4.470  1.00 19.81 ? 8   DT  A OP2   1 
ATOM   143 O  "O5'" . DT  A 1 8  ? 8.349   0.801   -6.080  1.00 18.89 ? 8   DT  A "O5'" 1 
ATOM   144 C  "C5'" . DT  A 1 8  ? 7.261   0.122   -6.650  1.00 17.50 ? 8   DT  A "C5'" 1 
ATOM   145 C  "C4'" . DT  A 1 8  ? 6.250   1.116   -7.156  1.00 17.62 ? 8   DT  A "C4'" 1 
ATOM   146 O  "O4'" . DT  A 1 8  ? 5.668   1.811   -6.060  1.00 16.05 ? 8   DT  A "O4'" 1 
ATOM   147 C  "C3'" . DT  A 1 8  ? 6.811   2.198   -8.070  1.00 18.96 ? 8   DT  A "C3'" 1 
ATOM   148 O  "O3'" . DT  A 1 8  ? 6.466   1.843   -9.394  1.00 18.96 ? 8   DT  A "O3'" 1 
ATOM   149 C  "C2'" . DT  A 1 8  ? 6.117   3.505   -7.596  1.00 19.19 ? 8   DT  A "C2'" 1 
ATOM   150 C  "C1'" . DT  A 1 8  ? 5.114   3.004   -6.557  1.00 17.92 ? 8   DT  A "C1'" 1 
ATOM   151 N  N1    . DT  A 1 8  ? 4.874   3.920   -5.386  1.00 15.62 ? 8   DT  A N1    1 
ATOM   152 C  C2    . DT  A 1 8  ? 3.592   4.386   -5.137  1.00 17.29 ? 8   DT  A C2    1 
ATOM   153 O  O2    . DT  A 1 8  ? 2.627   4.128   -5.844  1.00 18.34 ? 8   DT  A O2    1 
ATOM   154 N  N3    . DT  A 1 8  ? 3.473   5.167   -4.017  1.00 16.77 ? 8   DT  A N3    1 
ATOM   155 C  C4    . DT  A 1 8  ? 4.480   5.534   -3.143  1.00 15.81 ? 8   DT  A C4    1 
ATOM   156 O  O4    . DT  A 1 8  ? 4.260   6.243   -2.166  1.00 17.88 ? 8   DT  A O4    1 
ATOM   157 C  C5    . DT  A 1 8  ? 5.790   5.004   -3.449  1.00 16.57 ? 8   DT  A C5    1 
ATOM   158 C  C7    . DT  A 1 8  ? 6.965   5.331   -2.568  1.00 19.19 ? 8   DT  A C7    1 
ATOM   159 C  C6    . DT  A 1 8  ? 5.924   4.228   -4.537  1.00 17.81 ? 8   DT  A C6    1 
ATOM   160 P  P     . DG  A 1 9  ? 6.820   2.775   -10.656 1.00 24.34 ? 9   DG  A P     1 
ATOM   161 O  OP1   . DG  A 1 9  ? 6.933   1.812   -11.760 1.00 21.10 ? 9   DG  A OP1   1 
ATOM   162 O  OP2   . DG  A 1 9  ? 7.903   3.733   -10.310 1.00 25.35 ? 9   DG  A OP2   1 
ATOM   163 O  "O5'" . DG  A 1 9  ? 5.519   3.689   -10.805 1.00 21.62 ? 9   DG  A "O5'" 1 
ATOM   164 C  "C5'" . DG  A 1 9  ? 4.300   3.108   -11.208 1.00 20.77 ? 9   DG  A "C5'" 1 
ATOM   165 C  "C4'" . DG  A 1 9  ? 3.319   4.177   -11.652 1.00 21.62 ? 9   DG  A "C4'" 1 
ATOM   166 O  "O4'" . DG  A 1 9  ? 2.947   5.020   -10.535 1.00 20.64 ? 9   DG  A "O4'" 1 
ATOM   167 C  "C3'" . DG  A 1 9  ? 3.807   5.123   -12.729 1.00 23.19 ? 9   DG  A "C3'" 1 
ATOM   168 O  "O3'" . DG  A 1 9  ? 2.666   5.524   -13.473 1.00 22.78 ? 9   DG  A "O3'" 1 
ATOM   169 C  "C2'" . DG  A 1 9  ? 4.423   6.273   -11.906 1.00 22.86 ? 9   DG  A "C2'" 1 
ATOM   170 C  "C1'" . DG  A 1 9  ? 3.493   6.323   -10.703 1.00 19.68 ? 9   DG  A "C1'" 1 
ATOM   171 N  N9    . DG  A 1 9  ? 4.106   6.702   -9.428  1.00 18.65 ? 9   DG  A N9    1 
ATOM   172 C  C8    . DG  A 1 9  ? 5.427   6.603   -9.043  1.00 19.95 ? 9   DG  A C8    1 
ATOM   173 N  N7    . DG  A 1 9  ? 5.633   6.998   -7.802  1.00 18.14 ? 9   DG  A N7    1 
ATOM   174 C  C5    . DG  A 1 9  ? 4.366   7.367   -7.351  1.00 17.32 ? 9   DG  A C5    1 
ATOM   175 C  C6    . DG  A 1 9  ? 3.935   7.879   -6.096  1.00 17.50 ? 9   DG  A C6    1 
ATOM   176 O  O6    . DG  A 1 9  ? 4.616   8.131   -5.083  1.00 18.17 ? 9   DG  A O6    1 
ATOM   177 N  N1    . DG  A 1 9  ? 2.564   8.123   -6.082  1.00 17.72 ? 9   DG  A N1    1 
ATOM   178 C  C2    . DG  A 1 9  ? 1.713   7.889   -7.136  1.00 18.64 ? 9   DG  A C2    1 
ATOM   179 N  N2    . DG  A 1 9  ? 0.419   8.172   -6.935  1.00 21.22 ? 9   DG  A N2    1 
ATOM   180 N  N3    . DG  A 1 9  ? 2.100   7.410   -8.302  1.00 18.04 ? 9   DG  A N3    1 
ATOM   181 C  C4    . DG  A 1 9  ? 3.426   7.174   -8.342  1.00 16.96 ? 9   DG  A C4    1 
ATOM   182 P  P     . DG  A 1 10 ? 2.745   6.598   -14.661 1.00 25.31 ? 10  DG  A P     1 
ATOM   183 O  OP1   . DG  A 1 10 ? 1.827   6.085   -15.699 1.00 29.25 ? 10  DG  A OP1   1 
ATOM   184 O  OP2   . DG  A 1 10 ? 4.149   6.947   -14.998 1.00 27.43 ? 10  DG  A OP2   1 
ATOM   185 O  "O5'" . DG  A 1 10 ? 2.065   7.878   -14.018 1.00 27.02 ? 10  DG  A "O5'" 1 
ATOM   186 C  "C5'" . DG  A 1 10 ? 0.773   7.772   -13.454 1.00 25.26 ? 10  DG  A "C5'" 1 
ATOM   187 C  "C4'" . DG  A 1 10 ? 0.402   9.076   -12.797 1.00 24.94 ? 10  DG  A "C4'" 1 
ATOM   188 O  "O4'" . DG  A 1 10 ? 1.091   9.176   -11.522 1.00 23.55 ? 10  DG  A "O4'" 1 
ATOM   189 C  "C3'" . DG  A 1 10 ? 0.804   10.316  -13.606 1.00 26.33 ? 10  DG  A "C3'" 1 
ATOM   190 O  "O3'" . DG  A 1 10 ? -0.274  11.237  -13.654 1.00 30.84 ? 10  DG  A "O3'" 1 
ATOM   191 C  "C2'" . DG  A 1 10 ? 1.999   10.883  -12.837 1.00 23.75 ? 10  DG  A "C2'" 1 
ATOM   192 C  "C1'" . DG  A 1 10 ? 1.672   10.455  -11.421 1.00 21.72 ? 10  DG  A "C1'" 1 
ATOM   193 N  N9    . DG  A 1 10 ? 2.836   10.388  -10.538 1.00 19.06 ? 10  DG  A N9    1 
ATOM   194 C  C8    . DG  A 1 10 ? 4.097   9.943   -10.838 1.00 18.41 ? 10  DG  A C8    1 
ATOM   195 N  N7    . DG  A 1 10 ? 4.931   10.032  -9.824  1.00 17.94 ? 10  DG  A N7    1 
ATOM   196 C  C5    . DG  A 1 10 ? 4.159   10.561  -8.800  1.00 15.54 ? 10  DG  A C5    1 
ATOM   197 C  C6    . DG  A 1 10 ? 4.498   10.899  -7.464  1.00 16.89 ? 10  DG  A C6    1 
ATOM   198 O  O6    . DG  A 1 10 ? 5.587   10.768  -6.888  1.00 17.68 ? 10  DG  A O6    1 
ATOM   199 N  N1    . DG  A 1 10 ? 3.409   11.430  -6.773  1.00 17.01 ? 10  DG  A N1    1 
ATOM   200 C  C2    . DG  A 1 10 ? 2.151   11.611  -7.307  1.00 18.64 ? 10  DG  A C2    1 
ATOM   201 N  N2    . DG  A 1 10 ? 1.222   12.137  -6.492  1.00 19.67 ? 10  DG  A N2    1 
ATOM   202 N  N3    . DG  A 1 10 ? 1.826   11.299  -8.552  1.00 19.83 ? 10  DG  A N3    1 
ATOM   203 C  C4    . DG  A 1 10 ? 2.869   10.791  -9.234  1.00 18.50 ? 10  DG  A C4    1 
HETATM 204 C  C18   . S7E B 2 .  ? 4.454   -2.587  -2.898  1.00 14.05 ? 101 S7E A C18   1 
HETATM 205 C  C21   . S7E B 2 .  ? 2.832   0.438   -6.926  1.00 17.33 ? 101 S7E A C21   1 
HETATM 206 C  C22   . S7E B 2 .  ? -1.801  -6.147  8.592   1.00 19.64 ? 101 S7E A C22   1 
HETATM 207 C  C26   . S7E B 2 .  ? -0.582  -3.124  8.604   1.00 22.96 ? 101 S7E A C26   1 
HETATM 208 C  C27   . S7E B 2 .  ? 2.058   -3.148  6.217   1.00 17.42 ? 101 S7E A C27   1 
HETATM 209 C  C29   . S7E B 2 .  ? 2.777   -2.893  7.380   1.00 18.23 ? 101 S7E A C29   1 
HETATM 210 C  C30   . S7E B 2 .  ? 2.202   -2.606  9.752   1.00 20.09 ? 101 S7E A C30   1 
HETATM 211 C  C31   . S7E B 2 .  ? 0.706   -3.061  7.824   1.00 18.34 ? 101 S7E A C31   1 
HETATM 212 C  C32   . S7E B 2 .  ? 3.953   -3.814  4.784   1.00 15.61 ? 101 S7E A C32   1 
HETATM 213 C  C34   . S7E B 2 .  ? 4.817   -3.861  1.328   1.00 14.68 ? 101 S7E A C34   1 
HETATM 214 C  C35   . S7E B 2 .  ? 5.923   -4.502  1.873   1.00 15.06 ? 101 S7E A C35   1 
HETATM 215 C  C36   . S7E B 2 .  ? 6.638   -5.170  4.122   1.00 16.77 ? 101 S7E A C36   1 
HETATM 216 C  C37   . S7E B 2 .  ? 4.552   -3.993  3.407   1.00 15.25 ? 101 S7E A C37   1 
HETATM 217 C  C38   . S7E B 2 .  ? 5.515   -4.029  -1.055  1.00 14.83 ? 101 S7E A C38   1 
HETATM 218 C  C39   . S7E B 2 .  ? 4.591   -2.554  -4.271  1.00 13.94 ? 101 S7E A C39   1 
HETATM 219 C  C40   . S7E B 2 .  ? 5.507   -3.532  -4.644  1.00 15.05 ? 101 S7E A C40   1 
HETATM 220 C  C41   . S7E B 2 .  ? 6.852   -5.229  -3.506  1.00 17.81 ? 101 S7E A C41   1 
HETATM 221 C  C42   . S7E B 2 .  ? 5.289   -3.618  -2.490  1.00 14.34 ? 101 S7E A C42   1 
HETATM 222 C  C43   . S7E B 2 .  ? 3.901   -1.853  -6.571  1.00 15.50 ? 101 S7E A C43   1 
HETATM 223 C  C44   . S7E B 2 .  ? 3.205   -0.811  -7.411  1.00 15.82 ? 101 S7E A C44   1 
HETATM 224 C  C45   . S7E B 2 .  ? 2.249   1.091   -7.997  1.00 17.81 ? 101 S7E A C45   1 
HETATM 225 C  C46   . S7E B 2 .  ? 2.296   0.217   -9.076  1.00 17.56 ? 101 S7E A C46   1 
HETATM 226 C  C47   . S7E B 2 .  ? 3.106   -2.063  -9.537  1.00 17.84 ? 101 S7E A C47   1 
HETATM 227 C  C49   . S7E B 2 .  ? -3.311  -5.968  8.683   1.00 20.78 ? 101 S7E A C49   1 
HETATM 228 C  C50   . S7E B 2 .  ? -3.803  -4.624  8.143   1.00 21.69 ? 101 S7E A C50   1 
HETATM 229 C  C51   . S7E B 2 .  ? -3.034  -3.401  8.641   1.00 21.68 ? 101 S7E A C51   1 
HETATM 230 N  N12   . S7E B 2 .  ? -1.810  -3.295  7.869   1.00 20.08 ? 101 S7E A N12   1 
HETATM 231 N  N13   . S7E B 2 .  ? 1.893   -2.857  8.352   1.00 20.00 ? 101 S7E A N13   1 
HETATM 232 N  N14   . S7E B 2 .  ? 2.600   -3.302  4.893   1.00 14.59 ? 101 S7E A N14   1 
HETATM 233 N  N15   . S7E B 2 .  ? 5.719   -4.564  3.170   1.00 15.90 ? 101 S7E A N15   1 
HETATM 234 N  N16   . S7E B 2 .  ? 4.606   -3.534  -0.064  1.00 14.08 ? 101 S7E A N16   1 
HETATM 235 N  N17   . S7E B 2 .  ? 5.899   -4.133  -3.537  1.00 15.20 ? 101 S7E A N17   1 
HETATM 236 N  N19   . S7E B 2 .  ? 3.921   -1.633  -5.141  1.00 14.99 ? 101 S7E A N19   1 
HETATM 237 N  N20   . S7E B 2 .  ? 2.882   -0.908  -8.688  1.00 17.28 ? 101 S7E A N20   1 
HETATM 238 N  N22   . S7E B 2 .  ? 1.704   2.431   -7.950  1.00 17.28 ? 101 S7E A N22   1 
HETATM 239 N  N23   . S7E B 2 .  ? -3.736  -6.197  10.054  1.00 21.07 ? 101 S7E A N23   1 
HETATM 240 N  N28   . S7E B 2 .  ? 0.778   -3.256  6.518   1.00 17.14 ? 101 S7E A N28   1 
HETATM 241 N  N33   . S7E B 2 .  ? 3.993   -3.550  2.303   1.00 15.06 ? 101 S7E A N33   1 
HETATM 242 O  O4    . S7E B 2 .  ? -1.128  -6.103  9.568   1.00 19.63 ? 101 S7E A O4    1 
HETATM 243 O  O5    . S7E B 2 .  ? -0.568  -3.085  9.792   1.00 26.41 ? 101 S7E A O5    1 
HETATM 244 O  O6    . S7E B 2 .  ? 4.640   -4.043  5.731   1.00 17.35 ? 101 S7E A O6    1 
HETATM 245 O  O7    . S7E B 2 .  ? 6.430   -4.727  -0.774  1.00 16.11 ? 101 S7E A O7    1 
HETATM 246 O  O8    . S7E B 2 .  ? 4.410   -2.792  -7.079  1.00 15.79 ? 101 S7E A O8    1 
HETATM 247 MG MG    . MG  C 3 .  ? 9.051   8.307   -5.750  1.00 20.42 ? 102 MG  A MG    1 
HETATM 248 NA NA    . NA  D 4 .  ? 0.091   -5.227  11.484  1.00 29.82 ? 103 NA  A NA    1 
HETATM 249 C  C1    . EDO E 5 .  ? 8.061   -8.552  3.096   1.00 25.74 ? 104 EDO A C1    1 
HETATM 250 O  O1    . EDO E 5 .  ? 9.025   -8.658  2.036   1.00 29.46 ? 104 EDO A O1    1 
HETATM 251 C  C2    . EDO E 5 .  ? 8.730   -8.256  4.443   1.00 23.14 ? 104 EDO A C2    1 
HETATM 252 O  O2    . EDO E 5 .  ? 9.662   -7.170  4.367   1.00 25.11 ? 104 EDO A O2    1 
HETATM 253 O  O     . HOH F 6 .  ? -4.073  1.133   0.647   0.50 26.81 ? 201 HOH A O     1 
HETATM 254 O  O     . HOH F 6 .  ? 10.741  -6.824  2.151   0.50 17.23 ? 202 HOH A O     1 
HETATM 255 O  O     . HOH F 6 .  ? -9.953  -4.666  8.883   1.00 32.68 ? 203 HOH A O     1 
HETATM 256 O  O     . HOH F 6 .  ? -7.126  -2.440  0.565   1.00 34.36 ? 204 HOH A O     1 
HETATM 257 O  O     . HOH F 6 .  ? 5.337   7.985   -0.550  1.00 21.46 ? 205 HOH A O     1 
HETATM 258 O  O     . HOH F 6 .  ? 9.309   3.491   -4.638  1.00 26.95 ? 206 HOH A O     1 
HETATM 259 O  O     . HOH F 6 .  ? 7.510   2.051   9.775   1.00 33.48 ? 207 HOH A O     1 
HETATM 260 O  O     . HOH F 6 .  ? 11.401  -1.714  -0.833  1.00 21.25 ? 208 HOH A O     1 
HETATM 261 O  O     . HOH F 6 .  ? 9.167   -3.322  -7.126  1.00 25.76 ? 209 HOH A O     1 
HETATM 262 O  O     . HOH F 6 .  ? 7.968   9.533   -7.048  1.00 17.65 ? 210 HOH A O     1 
HETATM 263 O  O     . HOH F 6 .  ? -3.561  2.560   2.969   1.00 29.35 ? 211 HOH A O     1 
HETATM 264 O  O     . HOH F 6 .  ? -0.143  4.458   5.229   1.00 36.76 ? 212 HOH A O     1 
HETATM 265 O  O     . HOH F 6 .  ? 5.790   -0.992  8.994   1.00 28.32 ? 213 HOH A O     1 
HETATM 266 O  O     . HOH F 6 .  ? 5.662   -0.621  -11.799 1.00 29.16 ? 214 HOH A O     1 
HETATM 267 O  O     . HOH F 6 .  ? -6.412  -6.043  10.717  1.00 26.09 ? 215 HOH A O     1 
HETATM 268 O  O     . HOH F 6 .  ? 6.776   -3.497  -8.336  1.00 21.61 ? 216 HOH A O     1 
HETATM 269 O  O     . HOH F 6 .  ? 7.331   8.353   -4.462  1.00 16.87 ? 217 HOH A O     1 
HETATM 270 O  O     . HOH F 6 .  ? -9.236  -5.045  0.276   1.00 32.32 ? 218 HOH A O     1 
HETATM 271 O  O     . HOH F 6 .  ? 9.581   -4.710  1.958   1.00 25.39 ? 219 HOH A O     1 
HETATM 272 O  O     . HOH F 6 .  ? 8.196   6.569   -6.667  1.00 21.39 ? 220 HOH A O     1 
HETATM 273 O  O     . HOH F 6 .  ? 5.663   9.177   -14.044 1.00 24.43 ? 221 HOH A O     1 
HETATM 274 O  O     . HOH F 6 .  ? 7.740   9.446   -9.929  1.00 19.07 ? 222 HOH A O     1 
HETATM 275 O  O     . HOH F 6 .  ? -14.100 -7.826  8.141   0.50 20.44 ? 223 HOH A O     1 
HETATM 276 O  O     . HOH F 6 .  ? 10.184  2.933   -2.244  1.00 24.89 ? 224 HOH A O     1 
HETATM 277 O  O     . HOH F 6 .  ? 4.913   3.888   3.492   1.00 25.33 ? 225 HOH A O     1 
HETATM 278 O  O     . HOH F 6 .  ? -1.033  10.999  -9.155  1.00 31.17 ? 226 HOH A O     1 
HETATM 279 O  O     . HOH F 6 .  ? 2.893   5.527   1.869   1.00 26.28 ? 227 HOH A O     1 
HETATM 280 O  O     . HOH F 6 .  ? 11.864  1.079   -1.982  1.00 23.44 ? 228 HOH A O     1 
HETATM 281 O  O     . HOH F 6 .  ? -13.309 -5.131  1.298   1.00 33.36 ? 229 HOH A O     1 
HETATM 282 O  O     . HOH F 6 .  ? 7.689   3.622   5.028   1.00 30.83 ? 230 HOH A O     1 
HETATM 283 O  O     . HOH F 6 .  ? 8.393   2.588   -0.085  1.00 19.95 ? 231 HOH A O     1 
HETATM 284 O  O     . HOH F 6 .  ? 8.481   -0.780  -12.247 1.00 30.94 ? 232 HOH A O     1 
HETATM 285 O  O     . HOH F 6 .  ? -3.013  -4.625  12.610  1.00 32.73 ? 233 HOH A O     1 
HETATM 286 O  O     . HOH F 6 .  ? -1.843  12.613  -6.555  1.00 34.20 ? 234 HOH A O     1 
HETATM 287 O  O     . HOH F 6 .  ? 10.502  -2.852  -3.097  1.00 28.95 ? 235 HOH A O     1 
HETATM 288 O  O     . HOH F 6 .  ? -0.666  4.406   2.899   1.00 34.31 ? 236 HOH A O     1 
HETATM 289 O  O     . HOH F 6 .  ? 5.040   8.772   -17.539 1.00 33.13 ? 237 HOH A O     1 
HETATM 290 O  O     . HOH F 6 .  ? -0.125  3.580   -13.364 1.00 40.10 ? 238 HOH A O     1 
HETATM 291 O  O     . HOH F 6 .  ? 9.663   3.334   -13.347 0.33 27.59 ? 239 HOH A O     1 
HETATM 292 O  O     . HOH F 6 .  ? 2.190   12.090  -16.424 1.00 40.98 ? 240 HOH A O     1 
HETATM 293 O  O     . HOH F 6 .  ? 0.834   -3.819  13.267  1.00 38.57 ? 241 HOH A O     1 
HETATM 294 O  O     . HOH F 6 .  ? 2.520   -5.701  11.036  1.00 30.11 ? 242 HOH A O     1 
HETATM 295 O  O     . HOH F 6 .  ? 2.013   4.933   4.369   1.00 37.86 ? 243 HOH A O     1 
HETATM 296 O  O     . HOH F 6 .  ? 7.135   3.883   2.108   1.00 26.83 ? 244 HOH A O     1 
HETATM 297 O  O     . HOH F 6 .  ? 10.910  -3.627  -9.304  1.00 22.58 ? 245 HOH A O     1 
HETATM 298 O  O     . HOH F 6 .  ? -4.585  -1.908  12.198  1.00 40.54 ? 246 HOH A O     1 
# 
